data_3LE4
# 
_entry.id   3LE4 
# 
_audit_conform.dict_name       mmcif_pdbx.dic 
_audit_conform.dict_version    5.387 
_audit_conform.dict_location   http://mmcif.pdb.org/dictionaries/ascii/mmcif_pdbx.dic 
# 
loop_
_database_2.database_id 
_database_2.database_code 
_database_2.pdbx_database_accession 
_database_2.pdbx_DOI 
PDB   3LE4         pdb_00003le4 10.2210/pdb3le4/pdb 
RCSB  RCSB057164   ?            ?                   
WWPDB D_1000057164 ?            ?                   
# 
loop_
_pdbx_audit_revision_history.ordinal 
_pdbx_audit_revision_history.data_content_type 
_pdbx_audit_revision_history.major_revision 
_pdbx_audit_revision_history.minor_revision 
_pdbx_audit_revision_history.revision_date 
1 'Structure model' 1 0 2010-07-07 
2 'Structure model' 1 1 2011-07-13 
3 'Structure model' 1 2 2024-02-21 
# 
_pdbx_audit_revision_details.ordinal             1 
_pdbx_audit_revision_details.revision_ordinal    1 
_pdbx_audit_revision_details.data_content_type   'Structure model' 
_pdbx_audit_revision_details.provider            repository 
_pdbx_audit_revision_details.type                'Initial release' 
_pdbx_audit_revision_details.description         ? 
_pdbx_audit_revision_details.details             ? 
# 
loop_
_pdbx_audit_revision_group.ordinal 
_pdbx_audit_revision_group.revision_ordinal 
_pdbx_audit_revision_group.data_content_type 
_pdbx_audit_revision_group.group 
1 2 'Structure model' 'Version format compliance' 
2 3 'Structure model' 'Data collection'           
3 3 'Structure model' 'Database references'       
# 
loop_
_pdbx_audit_revision_category.ordinal 
_pdbx_audit_revision_category.revision_ordinal 
_pdbx_audit_revision_category.data_content_type 
_pdbx_audit_revision_category.category 
1 3 'Structure model' chem_comp_atom 
2 3 'Structure model' chem_comp_bond 
3 3 'Structure model' database_2     
# 
loop_
_pdbx_audit_revision_item.ordinal 
_pdbx_audit_revision_item.revision_ordinal 
_pdbx_audit_revision_item.data_content_type 
_pdbx_audit_revision_item.item 
1 3 'Structure model' '_database_2.pdbx_DOI'                
2 3 'Structure model' '_database_2.pdbx_database_accession' 
# 
_pdbx_database_status.status_code                     REL 
_pdbx_database_status.entry_id                        3LE4 
_pdbx_database_status.recvd_initial_deposition_date   2010-01-14 
_pdbx_database_status.deposit_site                    RCSB 
_pdbx_database_status.process_site                    RCSB 
_pdbx_database_status.status_code_sf                  REL 
_pdbx_database_status.status_code_mr                  ? 
_pdbx_database_status.SG_entry                        ? 
_pdbx_database_status.pdb_format_compatible           Y 
_pdbx_database_status.status_code_cs                  ? 
_pdbx_database_status.status_code_nmr_data            ? 
_pdbx_database_status.methods_development_category    ? 
# 
loop_
_audit_author.name 
_audit_author.pdbx_ordinal 
'Senturia, R.' 1 
'Cascio, D.'   2 
'Sawaya, M.'   3 
'Guo, F.'      4 
# 
_citation.id                        primary 
_citation.title                     'Structure of the dimerization domain of DiGeorge Critical Region 8' 
_citation.journal_abbrev            'Protein Sci.' 
_citation.journal_volume            19 
_citation.page_first                1354 
_citation.page_last                 1365 
_citation.year                      2010 
_citation.journal_id_ASTM           PRCIEI 
_citation.country                   US 
_citation.journal_id_ISSN           0961-8368 
_citation.journal_id_CSD            0795 
_citation.book_publisher            ? 
_citation.pdbx_database_id_PubMed   20506313 
_citation.pdbx_database_id_DOI      10.1002/pro.414 
# 
loop_
_citation_author.citation_id 
_citation_author.name 
_citation_author.ordinal 
_citation_author.identifier_ORCID 
primary 'Senturia, R.' 1 ? 
primary 'Faller, M.'   2 ? 
primary 'Yin, S.'      3 ? 
primary 'Loo, J.A.'    4 ? 
primary 'Cascio, D.'   5 ? 
primary 'Sawaya, M.R.' 6 ? 
primary 'Hwang, D.'    7 ? 
primary 'Clubb, R.T.'  8 ? 
primary 'Guo, F.'      9 ? 
# 
loop_
_entity.id 
_entity.type 
_entity.src_method 
_entity.pdbx_description 
_entity.formula_weight 
_entity.pdbx_number_of_molecules 
_entity.pdbx_ec 
_entity.pdbx_mutation 
_entity.pdbx_fragment 
_entity.details 
1 polymer man 'Microprocessor complex subunit DGCR8' 8888.265 1  ? ? 'Dimerization domain (UNP residues 275 to 353)' ? 
2 water   nat water                                  18.015   36 ? ? ?                                               ? 
# 
_entity_name_com.entity_id   1 
_entity_name_com.name        'DiGeorge syndrome critical region 8' 
# 
_entity_poly.entity_id                      1 
_entity_poly.type                           'polypeptide(L)' 
_entity_poly.nstd_linkage                   no 
_entity_poly.nstd_monomer                   no 
_entity_poly.pdbx_seq_one_letter_code       SDGETSVQPMMTKIKTVLKSRGRPPTEPLPDGWIMTFHNSGVPVYLHRESRVVTWSRPYFLGTGSIRKHDPPLSSIPCL 
_entity_poly.pdbx_seq_one_letter_code_can   SDGETSVQPMMTKIKTVLKSRGRPPTEPLPDGWIMTFHNSGVPVYLHRESRVVTWSRPYFLGTGSIRKHDPPLSSIPCL 
_entity_poly.pdbx_strand_id                 A 
_entity_poly.pdbx_target_identifier         ? 
# 
_pdbx_entity_nonpoly.entity_id   2 
_pdbx_entity_nonpoly.name        water 
_pdbx_entity_nonpoly.comp_id     HOH 
# 
loop_
_entity_poly_seq.entity_id 
_entity_poly_seq.num 
_entity_poly_seq.mon_id 
_entity_poly_seq.hetero 
1 1  SER n 
1 2  ASP n 
1 3  GLY n 
1 4  GLU n 
1 5  THR n 
1 6  SER n 
1 7  VAL n 
1 8  GLN n 
1 9  PRO n 
1 10 MET n 
1 11 MET n 
1 12 THR n 
1 13 LYS n 
1 14 ILE n 
1 15 LYS n 
1 16 THR n 
1 17 VAL n 
1 18 LEU n 
1 19 LYS n 
1 20 SER n 
1 21 ARG n 
1 22 GLY n 
1 23 ARG n 
1 24 PRO n 
1 25 PRO n 
1 26 THR n 
1 27 GLU n 
1 28 PRO n 
1 29 LEU n 
1 30 PRO n 
1 31 ASP n 
1 32 GLY n 
1 33 TRP n 
1 34 ILE n 
1 35 MET n 
1 36 THR n 
1 37 PHE n 
1 38 HIS n 
1 39 ASN n 
1 40 SER n 
1 41 GLY n 
1 42 VAL n 
1 43 PRO n 
1 44 VAL n 
1 45 TYR n 
1 46 LEU n 
1 47 HIS n 
1 48 ARG n 
1 49 GLU n 
1 50 SER n 
1 51 ARG n 
1 52 VAL n 
1 53 VAL n 
1 54 THR n 
1 55 TRP n 
1 56 SER n 
1 57 ARG n 
1 58 PRO n 
1 59 TYR n 
1 60 PHE n 
1 61 LEU n 
1 62 GLY n 
1 63 THR n 
1 64 GLY n 
1 65 SER n 
1 66 ILE n 
1 67 ARG n 
1 68 LYS n 
1 69 HIS n 
1 70 ASP n 
1 71 PRO n 
1 72 PRO n 
1 73 LEU n 
1 74 SER n 
1 75 SER n 
1 76 ILE n 
1 77 PRO n 
1 78 CYS n 
1 79 LEU n 
# 
_entity_src_gen.entity_id                          1 
_entity_src_gen.pdbx_src_id                        1 
_entity_src_gen.pdbx_alt_source_flag               sample 
_entity_src_gen.pdbx_seq_type                      ? 
_entity_src_gen.pdbx_beg_seq_num                   ? 
_entity_src_gen.pdbx_end_seq_num                   ? 
_entity_src_gen.gene_src_common_name               human 
_entity_src_gen.gene_src_genus                     ? 
_entity_src_gen.pdbx_gene_src_gene                 'DGCR8, C22orf12, DGCRK6, LP4941' 
_entity_src_gen.gene_src_species                   ? 
_entity_src_gen.gene_src_strain                    ? 
_entity_src_gen.gene_src_tissue                    ? 
_entity_src_gen.gene_src_tissue_fraction           ? 
_entity_src_gen.gene_src_details                   ? 
_entity_src_gen.pdbx_gene_src_fragment             ? 
_entity_src_gen.pdbx_gene_src_scientific_name      'Homo sapiens' 
_entity_src_gen.pdbx_gene_src_ncbi_taxonomy_id     9606 
_entity_src_gen.pdbx_gene_src_variant              ? 
_entity_src_gen.pdbx_gene_src_cell_line            ? 
_entity_src_gen.pdbx_gene_src_atcc                 ? 
_entity_src_gen.pdbx_gene_src_organ                ? 
_entity_src_gen.pdbx_gene_src_organelle            ? 
_entity_src_gen.pdbx_gene_src_cell                 ? 
_entity_src_gen.pdbx_gene_src_cellular_location    ? 
_entity_src_gen.host_org_common_name               ? 
_entity_src_gen.pdbx_host_org_scientific_name      'Escherichia coli' 
_entity_src_gen.pdbx_host_org_ncbi_taxonomy_id     562 
_entity_src_gen.host_org_genus                     ? 
_entity_src_gen.pdbx_host_org_gene                 ? 
_entity_src_gen.pdbx_host_org_organ                ? 
_entity_src_gen.host_org_species                   ? 
_entity_src_gen.pdbx_host_org_tissue               ? 
_entity_src_gen.pdbx_host_org_tissue_fraction      ? 
_entity_src_gen.pdbx_host_org_strain               ? 
_entity_src_gen.pdbx_host_org_variant              ? 
_entity_src_gen.pdbx_host_org_cell_line            ? 
_entity_src_gen.pdbx_host_org_atcc                 ? 
_entity_src_gen.pdbx_host_org_culture_collection   ? 
_entity_src_gen.pdbx_host_org_cell                 ? 
_entity_src_gen.pdbx_host_org_organelle            ? 
_entity_src_gen.pdbx_host_org_cellular_location    ? 
_entity_src_gen.pdbx_host_org_vector_type          ? 
_entity_src_gen.pdbx_host_org_vector               ? 
_entity_src_gen.host_org_details                   ? 
_entity_src_gen.expression_system_id               ? 
_entity_src_gen.plasmid_name                       ? 
_entity_src_gen.plasmid_details                    ? 
_entity_src_gen.pdbx_description                   ? 
# 
loop_
_chem_comp.id 
_chem_comp.type 
_chem_comp.mon_nstd_flag 
_chem_comp.name 
_chem_comp.pdbx_synonyms 
_chem_comp.formula 
_chem_comp.formula_weight 
ARG 'L-peptide linking' y ARGININE        ? 'C6 H15 N4 O2 1' 175.209 
ASN 'L-peptide linking' y ASPARAGINE      ? 'C4 H8 N2 O3'    132.118 
ASP 'L-peptide linking' y 'ASPARTIC ACID' ? 'C4 H7 N O4'     133.103 
CYS 'L-peptide linking' y CYSTEINE        ? 'C3 H7 N O2 S'   121.158 
GLN 'L-peptide linking' y GLUTAMINE       ? 'C5 H10 N2 O3'   146.144 
GLU 'L-peptide linking' y 'GLUTAMIC ACID' ? 'C5 H9 N O4'     147.129 
GLY 'peptide linking'   y GLYCINE         ? 'C2 H5 N O2'     75.067  
HIS 'L-peptide linking' y HISTIDINE       ? 'C6 H10 N3 O2 1' 156.162 
HOH non-polymer         . WATER           ? 'H2 O'           18.015  
ILE 'L-peptide linking' y ISOLEUCINE      ? 'C6 H13 N O2'    131.173 
LEU 'L-peptide linking' y LEUCINE         ? 'C6 H13 N O2'    131.173 
LYS 'L-peptide linking' y LYSINE          ? 'C6 H15 N2 O2 1' 147.195 
MET 'L-peptide linking' y METHIONINE      ? 'C5 H11 N O2 S'  149.211 
PHE 'L-peptide linking' y PHENYLALANINE   ? 'C9 H11 N O2'    165.189 
PRO 'L-peptide linking' y PROLINE         ? 'C5 H9 N O2'     115.130 
SER 'L-peptide linking' y SERINE          ? 'C3 H7 N O3'     105.093 
THR 'L-peptide linking' y THREONINE       ? 'C4 H9 N O3'     119.119 
TRP 'L-peptide linking' y TRYPTOPHAN      ? 'C11 H12 N2 O2'  204.225 
TYR 'L-peptide linking' y TYROSINE        ? 'C9 H11 N O3'    181.189 
VAL 'L-peptide linking' y VALINE          ? 'C5 H11 N O2'    117.146 
# 
loop_
_pdbx_poly_seq_scheme.asym_id 
_pdbx_poly_seq_scheme.entity_id 
_pdbx_poly_seq_scheme.seq_id 
_pdbx_poly_seq_scheme.mon_id 
_pdbx_poly_seq_scheme.ndb_seq_num 
_pdbx_poly_seq_scheme.pdb_seq_num 
_pdbx_poly_seq_scheme.auth_seq_num 
_pdbx_poly_seq_scheme.pdb_mon_id 
_pdbx_poly_seq_scheme.auth_mon_id 
_pdbx_poly_seq_scheme.pdb_strand_id 
_pdbx_poly_seq_scheme.pdb_ins_code 
_pdbx_poly_seq_scheme.hetero 
A 1 1  SER 1  275 ?   ?   ?   A . n 
A 1 2  ASP 2  276 ?   ?   ?   A . n 
A 1 3  GLY 3  277 ?   ?   ?   A . n 
A 1 4  GLU 4  278 ?   ?   ?   A . n 
A 1 5  THR 5  279 ?   ?   ?   A . n 
A 1 6  SER 6  280 ?   ?   ?   A . n 
A 1 7  VAL 7  281 ?   ?   ?   A . n 
A 1 8  GLN 8  282 ?   ?   ?   A . n 
A 1 9  PRO 9  283 ?   ?   ?   A . n 
A 1 10 MET 10 284 ?   ?   ?   A . n 
A 1 11 MET 11 285 ?   ?   ?   A . n 
A 1 12 THR 12 286 ?   ?   ?   A . n 
A 1 13 LYS 13 287 ?   ?   ?   A . n 
A 1 14 ILE 14 288 ?   ?   ?   A . n 
A 1 15 LYS 15 289 ?   ?   ?   A . n 
A 1 16 THR 16 290 ?   ?   ?   A . n 
A 1 17 VAL 17 291 ?   ?   ?   A . n 
A 1 18 LEU 18 292 ?   ?   ?   A . n 
A 1 19 LYS 19 293 ?   ?   ?   A . n 
A 1 20 SER 20 294 ?   ?   ?   A . n 
A 1 21 ARG 21 295 ?   ?   ?   A . n 
A 1 22 GLY 22 296 ?   ?   ?   A . n 
A 1 23 ARG 23 297 ?   ?   ?   A . n 
A 1 24 PRO 24 298 298 PRO PRO A . n 
A 1 25 PRO 25 299 299 PRO PRO A . n 
A 1 26 THR 26 300 300 THR THR A . n 
A 1 27 GLU 27 301 301 GLU GLU A . n 
A 1 28 PRO 28 302 302 PRO PRO A . n 
A 1 29 LEU 29 303 303 LEU LEU A . n 
A 1 30 PRO 30 304 304 PRO PRO A . n 
A 1 31 ASP 31 305 305 ASP ASP A . n 
A 1 32 GLY 32 306 306 GLY GLY A . n 
A 1 33 TRP 33 307 307 TRP TRP A . n 
A 1 34 ILE 34 308 308 ILE ILE A . n 
A 1 35 MET 35 309 309 MET MET A . n 
A 1 36 THR 36 310 310 THR THR A . n 
A 1 37 PHE 37 311 311 PHE PHE A . n 
A 1 38 HIS 38 312 312 HIS HIS A . n 
A 1 39 ASN 39 313 313 ASN ASN A . n 
A 1 40 SER 40 314 314 SER SER A . n 
A 1 41 GLY 41 315 315 GLY GLY A . n 
A 1 42 VAL 42 316 316 VAL VAL A . n 
A 1 43 PRO 43 317 317 PRO PRO A . n 
A 1 44 VAL 44 318 318 VAL VAL A . n 
A 1 45 TYR 45 319 319 TYR TYR A . n 
A 1 46 LEU 46 320 320 LEU LEU A . n 
A 1 47 HIS 47 321 321 HIS HIS A . n 
A 1 48 ARG 48 322 322 ARG ARG A . n 
A 1 49 GLU 49 323 323 GLU GLU A . n 
A 1 50 SER 50 324 324 SER SER A . n 
A 1 51 ARG 51 325 325 ARG ARG A . n 
A 1 52 VAL 52 326 326 VAL VAL A . n 
A 1 53 VAL 53 327 327 VAL VAL A . n 
A 1 54 THR 54 328 328 THR THR A . n 
A 1 55 TRP 55 329 329 TRP TRP A . n 
A 1 56 SER 56 330 330 SER SER A . n 
A 1 57 ARG 57 331 331 ARG ARG A . n 
A 1 58 PRO 58 332 332 PRO PRO A . n 
A 1 59 TYR 59 333 333 TYR TYR A . n 
A 1 60 PHE 60 334 334 PHE PHE A . n 
A 1 61 LEU 61 335 335 LEU LEU A . n 
A 1 62 GLY 62 336 336 GLY GLY A . n 
A 1 63 THR 63 337 337 THR THR A . n 
A 1 64 GLY 64 338 338 GLY GLY A . n 
A 1 65 SER 65 339 339 SER SER A . n 
A 1 66 ILE 66 340 340 ILE ILE A . n 
A 1 67 ARG 67 341 341 ARG ARG A . n 
A 1 68 LYS 68 342 342 LYS LYS A . n 
A 1 69 HIS 69 343 343 HIS HIS A . n 
A 1 70 ASP 70 344 344 ASP ASP A . n 
A 1 71 PRO 71 345 345 PRO PRO A . n 
A 1 72 PRO 72 346 346 PRO PRO A . n 
A 1 73 LEU 73 347 347 LEU LEU A . n 
A 1 74 SER 74 348 348 SER SER A . n 
A 1 75 SER 75 349 349 SER SER A . n 
A 1 76 ILE 76 350 350 ILE ILE A . n 
A 1 77 PRO 77 351 351 PRO PRO A . n 
A 1 78 CYS 78 352 352 CYS CYS A . n 
A 1 79 LEU 79 353 ?   ?   ?   A . n 
# 
loop_
_pdbx_nonpoly_scheme.asym_id 
_pdbx_nonpoly_scheme.entity_id 
_pdbx_nonpoly_scheme.mon_id 
_pdbx_nonpoly_scheme.ndb_seq_num 
_pdbx_nonpoly_scheme.pdb_seq_num 
_pdbx_nonpoly_scheme.auth_seq_num 
_pdbx_nonpoly_scheme.pdb_mon_id 
_pdbx_nonpoly_scheme.auth_mon_id 
_pdbx_nonpoly_scheme.pdb_strand_id 
_pdbx_nonpoly_scheme.pdb_ins_code 
B 2 HOH 1  1  1  HOH HOH A . 
B 2 HOH 2  2  2  HOH HOH A . 
B 2 HOH 3  3  3  HOH HOH A . 
B 2 HOH 4  4  4  HOH HOH A . 
B 2 HOH 5  7  7  HOH HOH A . 
B 2 HOH 6  8  8  HOH HOH A . 
B 2 HOH 7  10 10 HOH HOH A . 
B 2 HOH 8  12 12 HOH HOH A . 
B 2 HOH 9  15 15 HOH HOH A . 
B 2 HOH 10 18 18 HOH HOH A . 
B 2 HOH 11 21 21 HOH HOH A . 
B 2 HOH 12 22 22 HOH HOH A . 
B 2 HOH 13 24 24 HOH HOH A . 
B 2 HOH 14 27 27 HOH HOH A . 
B 2 HOH 15 29 29 HOH HOH A . 
B 2 HOH 16 30 30 HOH HOH A . 
B 2 HOH 17 31 31 HOH HOH A . 
B 2 HOH 18 32 32 HOH HOH A . 
B 2 HOH 19 33 33 HOH HOH A . 
B 2 HOH 20 35 35 HOH HOH A . 
B 2 HOH 21 36 36 HOH HOH A . 
B 2 HOH 22 37 37 HOH HOH A . 
B 2 HOH 23 38 38 HOH HOH A . 
B 2 HOH 24 39 39 HOH HOH A . 
B 2 HOH 25 40 40 HOH HOH A . 
B 2 HOH 26 41 41 HOH HOH A . 
B 2 HOH 27 45 45 HOH HOH A . 
B 2 HOH 28 46 46 HOH HOH A . 
B 2 HOH 29 48 48 HOH HOH A . 
B 2 HOH 30 49 49 HOH HOH A . 
B 2 HOH 31 50 50 HOH HOH A . 
B 2 HOH 32 51 51 HOH HOH A . 
B 2 HOH 33 52 52 HOH HOH A . 
B 2 HOH 34 53 53 HOH HOH A . 
B 2 HOH 35 54 54 HOH HOH A . 
B 2 HOH 36 55 55 HOH HOH A . 
# 
loop_
_software.name 
_software.classification 
_software.version 
_software.citation_id 
_software.pdbx_ordinal 
ADSC     'data collection' Quantum           ? 1 
SHELXS   phasing           .                 ? 2 
PHENIX   refinement        '(phenix.refine)' ? 3 
HKL-2000 'data reduction'  .                 ? 4 
HKL-2000 'data scaling'    .                 ? 5 
# 
_cell.entry_id           3LE4 
_cell.length_a           39.952 
_cell.length_b           39.952 
_cell.length_c           80.626 
_cell.angle_alpha        90.00 
_cell.angle_beta         90.00 
_cell.angle_gamma        90.00 
_cell.Z_PDB              8 
_cell.pdbx_unique_axis   ? 
_cell.length_a_esd       ? 
_cell.length_b_esd       ? 
_cell.length_c_esd       ? 
_cell.angle_alpha_esd    ? 
_cell.angle_beta_esd     ? 
_cell.angle_gamma_esd    ? 
# 
_symmetry.entry_id                         3LE4 
_symmetry.space_group_name_H-M             'P 43 21 2' 
_symmetry.pdbx_full_space_group_name_H-M   ? 
_symmetry.cell_setting                     ? 
_symmetry.Int_Tables_number                96 
_symmetry.space_group_name_Hall            ? 
# 
_exptl.entry_id          3LE4 
_exptl.method            'X-RAY DIFFRACTION' 
_exptl.crystals_number   1 
# 
_exptl_crystal.id                    1 
_exptl_crystal.density_meas          ? 
_exptl_crystal.density_Matthews      1.81 
_exptl_crystal.density_percent_sol   32.04 
_exptl_crystal.description           ? 
_exptl_crystal.F_000                 ? 
_exptl_crystal.preparation           ? 
# 
_exptl_crystal_grow.crystal_id      1 
_exptl_crystal_grow.method          'VAPOR DIFFUSION, HANGING DROP' 
_exptl_crystal_grow.temp            291 
_exptl_crystal_grow.temp_details    ? 
_exptl_crystal_grow.pH              5.5 
_exptl_crystal_grow.pdbx_details    
;0.2 M ammonium acetate, 100 mM Bis-Tris pH 5.5, 25% polyethylene glycol 3350, 10 mM nicotinamide adenine dinucleotide, VAPOR DIFFUSION, HANGING DROP, temperature 291K
;
_exptl_crystal_grow.pdbx_pH_range   ? 
# 
_diffrn.id                     1 
_diffrn.ambient_temp           100 
_diffrn.ambient_temp_details   ? 
_diffrn.crystal_id             1 
# 
_diffrn_detector.diffrn_id              1 
_diffrn_detector.detector               CCD 
_diffrn_detector.type                   'ADSC QUANTUM 315' 
_diffrn_detector.pdbx_collection_date   2009-03-29 
_diffrn_detector.details                ? 
# 
_diffrn_radiation.diffrn_id                        1 
_diffrn_radiation.wavelength_id                    1 
_diffrn_radiation.pdbx_monochromatic_or_laue_m_l   M 
_diffrn_radiation.monochromator                    
'Cryogenically-cooled single crystal Si(111) side bounce monochromator. Optional Si(311) to achive 13.474 keV.' 
_diffrn_radiation.pdbx_diffrn_protocol             'SINGLE WAVELENGTH' 
_diffrn_radiation.pdbx_scattering_type             x-ray 
# 
_diffrn_radiation_wavelength.id           1 
_diffrn_radiation_wavelength.wavelength   0.97918 
_diffrn_radiation_wavelength.wt           1.0 
# 
_diffrn_source.diffrn_id                   1 
_diffrn_source.source                      SYNCHROTRON 
_diffrn_source.type                        'APS BEAMLINE 24-ID-E' 
_diffrn_source.pdbx_synchrotron_site       APS 
_diffrn_source.pdbx_synchrotron_beamline   24-ID-E 
_diffrn_source.pdbx_wavelength             ? 
_diffrn_source.pdbx_wavelength_list        0.97918 
# 
_reflns.entry_id                     3LE4 
_reflns.observed_criterion_sigma_I   ? 
_reflns.observed_criterion_sigma_F   ? 
_reflns.d_resolution_low             28.3 
_reflns.d_resolution_high            1.7 
_reflns.number_obs                   7721 
_reflns.number_all                   7721 
_reflns.percent_possible_obs         99.9 
_reflns.pdbx_Rmerge_I_obs            ? 
_reflns.pdbx_Rsym_value              ? 
_reflns.pdbx_netI_over_sigmaI        ? 
_reflns.B_iso_Wilson_estimate        ? 
_reflns.pdbx_redundancy              ? 
_reflns.R_free_details               ? 
_reflns.limit_h_max                  ? 
_reflns.limit_h_min                  ? 
_reflns.limit_k_max                  ? 
_reflns.limit_k_min                  ? 
_reflns.limit_l_max                  ? 
_reflns.limit_l_min                  ? 
_reflns.observed_criterion_F_max     ? 
_reflns.observed_criterion_F_min     ? 
_reflns.pdbx_chi_squared             ? 
_reflns.pdbx_scaling_rejects         ? 
_reflns.pdbx_diffrn_id               1 
_reflns.pdbx_ordinal                 1 
# 
_reflns_shell.d_res_high             1.70 
_reflns_shell.d_res_low              1.76 
_reflns_shell.percent_possible_all   100 
_reflns_shell.Rmerge_I_obs           ? 
_reflns_shell.pdbx_Rsym_value        ? 
_reflns_shell.meanI_over_sigI_obs    ? 
_reflns_shell.pdbx_redundancy        ? 
_reflns_shell.percent_possible_obs   ? 
_reflns_shell.number_unique_all      ? 
_reflns_shell.number_measured_all    ? 
_reflns_shell.number_measured_obs    ? 
_reflns_shell.number_unique_obs      ? 
_reflns_shell.pdbx_chi_squared       ? 
_reflns_shell.pdbx_diffrn_id         ? 
_reflns_shell.pdbx_ordinal           1 
# 
_refine.entry_id                                 3LE4 
_refine.ls_number_reflns_obs                     7721 
_refine.ls_number_reflns_all                     7721 
_refine.pdbx_ls_sigma_I                          ? 
_refine.pdbx_ls_sigma_F                          0.04 
_refine.pdbx_data_cutoff_high_absF               ? 
_refine.pdbx_data_cutoff_low_absF                ? 
_refine.pdbx_data_cutoff_high_rms_absF           ? 
_refine.ls_d_res_low                             28.250 
_refine.ls_d_res_high                            1.701 
_refine.ls_percent_reflns_obs                    96.85 
_refine.ls_R_factor_obs                          0.1823 
_refine.ls_R_factor_all                          ? 
_refine.ls_R_factor_R_work                       0.1808 
_refine.ls_R_factor_R_free                       0.2130 
_refine.ls_R_factor_R_free_error                 ? 
_refine.ls_R_factor_R_free_error_details         ? 
_refine.ls_percent_reflns_R_free                 4.67 
_refine.ls_number_reflns_R_free                  347 
_refine.ls_number_parameters                     ? 
_refine.ls_number_restraints                     ? 
_refine.occupancy_min                            ? 
_refine.occupancy_max                            ? 
_refine.correlation_coeff_Fo_to_Fc               ? 
_refine.correlation_coeff_Fo_to_Fc_free          ? 
_refine.B_iso_mean                               ? 
_refine.aniso_B[1][1]                            ? 
_refine.aniso_B[2][2]                            ? 
_refine.aniso_B[3][3]                            ? 
_refine.aniso_B[1][2]                            ? 
_refine.aniso_B[1][3]                            ? 
_refine.aniso_B[2][3]                            ? 
_refine.solvent_model_details                    'FLAT BULK SOLVENT MODEL' 
_refine.solvent_model_param_ksol                 0.430 
_refine.solvent_model_param_bsol                 68.549 
_refine.pdbx_solvent_vdw_probe_radii             1.11 
_refine.pdbx_solvent_ion_probe_radii             ? 
_refine.pdbx_solvent_shrinkage_radii             0.90 
_refine.pdbx_ls_cross_valid_method               ? 
_refine.details                                  ? 
_refine.pdbx_starting_model                      ? 
_refine.pdbx_method_to_determine_struct          SAD 
_refine.pdbx_isotropic_thermal_model             ? 
_refine.pdbx_stereochemistry_target_values       ML 
_refine.pdbx_stereochem_target_val_spec_case     ? 
_refine.pdbx_R_Free_selection_details            Random 
_refine.pdbx_overall_ESU_R                       ? 
_refine.pdbx_overall_ESU_R_Free                  ? 
_refine.overall_SU_ML                            0.14 
_refine.overall_SU_B                             ? 
_refine.ls_redundancy_reflns_obs                 ? 
_refine.B_iso_min                                ? 
_refine.B_iso_max                                ? 
_refine.overall_SU_R_Cruickshank_DPI             ? 
_refine.overall_SU_R_free                        ? 
_refine.ls_wR_factor_R_free                      ? 
_refine.ls_wR_factor_R_work                      ? 
_refine.overall_FOM_free_R_set                   ? 
_refine.overall_FOM_work_R_set                   ? 
_refine.pdbx_overall_phase_error                 ? 
_refine.pdbx_refine_id                           'X-RAY DIFFRACTION' 
_refine.pdbx_diffrn_id                           1 
_refine.pdbx_TLS_residual_ADP_flag               ? 
_refine.pdbx_overall_SU_R_free_Cruickshank_DPI   ? 
_refine.pdbx_overall_SU_R_Blow_DPI               ? 
_refine.pdbx_overall_SU_R_free_Blow_DPI          ? 
# 
_refine_hist.pdbx_refine_id                   'X-RAY DIFFRACTION' 
_refine_hist.cycle_id                         LAST 
_refine_hist.pdbx_number_atoms_protein        440 
_refine_hist.pdbx_number_atoms_nucleic_acid   0 
_refine_hist.pdbx_number_atoms_ligand         0 
_refine_hist.number_atoms_solvent             36 
_refine_hist.number_atoms_total               476 
_refine_hist.d_res_high                       1.701 
_refine_hist.d_res_low                        28.250 
# 
loop_
_refine_ls_restr.type 
_refine_ls_restr.dev_ideal 
_refine_ls_restr.dev_ideal_target 
_refine_ls_restr.weight 
_refine_ls_restr.number 
_refine_ls_restr.pdbx_refine_id 
_refine_ls_restr.pdbx_restraint_function 
f_bond_d           0.009  ? ? 475 'X-RAY DIFFRACTION' ? 
f_angle_d          1.327  ? ? 652 'X-RAY DIFFRACTION' ? 
f_dihedral_angle_d 13.981 ? ? 174 'X-RAY DIFFRACTION' ? 
f_chiral_restr     0.083  ? ? 68  'X-RAY DIFFRACTION' ? 
f_plane_restr      0.006  ? ? 84  'X-RAY DIFFRACTION' ? 
# 
loop_
_refine_ls_shell.pdbx_total_number_of_bins_used 
_refine_ls_shell.d_res_high 
_refine_ls_shell.d_res_low 
_refine_ls_shell.number_reflns_R_work 
_refine_ls_shell.R_factor_R_work 
_refine_ls_shell.percent_reflns_obs 
_refine_ls_shell.R_factor_R_free 
_refine_ls_shell.R_factor_R_free_error 
_refine_ls_shell.percent_reflns_R_free 
_refine_ls_shell.number_reflns_R_free 
_refine_ls_shell.number_reflns_all 
_refine_ls_shell.R_factor_all 
_refine_ls_shell.number_reflns_obs 
_refine_ls_shell.redundancy_reflns_obs 
_refine_ls_shell.pdbx_refine_id 
. 1.7014 1.76    3389 0.1667 95.00 0.1989 . . 149 . . . . 'X-RAY DIFFRACTION' 
. 2.1435 28.2542 3699 0.1855 99.00 0.2171 . . 198 . . . . 'X-RAY DIFFRACTION' 
# 
_struct.entry_id                  3LE4 
_struct.title                     'Crystal structure of the DGCR8 dimerization domain' 
_struct.pdbx_model_details        ? 
_struct.pdbx_CASP_flag            Y 
_struct.pdbx_model_type_details   ? 
# 
_struct_keywords.entry_id        3LE4 
_struct_keywords.pdbx_keywords   'NUCLEAR PROTEIN' 
_struct_keywords.text            
;WW motif, dimerization, 3D domain swapping, heme binding, microRNA processing, Heme, Iron, Metal-binding, Nucleus, Phosphoprotein, RNA-binding, NUCLEAR PROTEIN
;
# 
loop_
_struct_asym.id 
_struct_asym.pdbx_blank_PDB_chainid_flag 
_struct_asym.pdbx_modified 
_struct_asym.entity_id 
_struct_asym.details 
A N N 1 ? 
B N N 2 ? 
# 
_struct_ref.id                         1 
_struct_ref.db_name                    UNP 
_struct_ref.db_code                    DGCR8_HUMAN 
_struct_ref.pdbx_db_accession          Q8WYQ5 
_struct_ref.entity_id                  1 
_struct_ref.pdbx_seq_one_letter_code   SDGETSVQPMMTKIKTVLKSRGRPPTEPLPDGWIMTFHNSGVPVYLHRESRVVTWSRPYFLGTGSIRKHDPPLSSIPCL 
_struct_ref.pdbx_align_begin           275 
_struct_ref.pdbx_db_isoform            ? 
# 
_struct_ref_seq.align_id                      1 
_struct_ref_seq.ref_id                        1 
_struct_ref_seq.pdbx_PDB_id_code              3LE4 
_struct_ref_seq.pdbx_strand_id                A 
_struct_ref_seq.seq_align_beg                 1 
_struct_ref_seq.pdbx_seq_align_beg_ins_code   ? 
_struct_ref_seq.seq_align_end                 79 
_struct_ref_seq.pdbx_seq_align_end_ins_code   ? 
_struct_ref_seq.pdbx_db_accession             Q8WYQ5 
_struct_ref_seq.db_align_beg                  275 
_struct_ref_seq.pdbx_db_align_beg_ins_code    ? 
_struct_ref_seq.db_align_end                  353 
_struct_ref_seq.pdbx_db_align_end_ins_code    ? 
_struct_ref_seq.pdbx_auth_seq_align_beg       275 
_struct_ref_seq.pdbx_auth_seq_align_end       353 
# 
_pdbx_struct_assembly.id                   1 
_pdbx_struct_assembly.details              author_and_software_defined_assembly 
_pdbx_struct_assembly.method_details       PISA 
_pdbx_struct_assembly.oligomeric_details   dimeric 
_pdbx_struct_assembly.oligomeric_count     2 
# 
loop_
_pdbx_struct_assembly_prop.biol_id 
_pdbx_struct_assembly_prop.type 
_pdbx_struct_assembly_prop.value 
_pdbx_struct_assembly_prop.details 
1 'ABSA (A^2)' 2600 ? 
1 MORE         -17  ? 
1 'SSA (A^2)'  6550 ? 
# 
_pdbx_struct_assembly_gen.assembly_id       1 
_pdbx_struct_assembly_gen.oper_expression   1,2 
_pdbx_struct_assembly_gen.asym_id_list      A,B 
# 
loop_
_pdbx_struct_oper_list.id 
_pdbx_struct_oper_list.type 
_pdbx_struct_oper_list.name 
_pdbx_struct_oper_list.symmetry_operation 
_pdbx_struct_oper_list.matrix[1][1] 
_pdbx_struct_oper_list.matrix[1][2] 
_pdbx_struct_oper_list.matrix[1][3] 
_pdbx_struct_oper_list.vector[1] 
_pdbx_struct_oper_list.matrix[2][1] 
_pdbx_struct_oper_list.matrix[2][2] 
_pdbx_struct_oper_list.matrix[2][3] 
_pdbx_struct_oper_list.vector[2] 
_pdbx_struct_oper_list.matrix[3][1] 
_pdbx_struct_oper_list.matrix[3][2] 
_pdbx_struct_oper_list.matrix[3][3] 
_pdbx_struct_oper_list.vector[3] 
1 'identity operation'         1_555 x,y,z            1.0000000000  0.0000000000  0.0000000000  0.0000000000  0.0000000000  1.0000000000  0.0000000000 0.0000000000 0.0000000000  0.0000000000 1.0000000000 0.0000000000  
2 'crystal symmetry operation' 8_665 -y+1,-x+1,-z+1/2 -0.7484129902 -0.0934443417 -0.6566172029 -8.2225955269 -0.0934443417 -0.9652929418 0.2438804861 5.3385783311 -0.6566172029 0.2438804861 0.7137059320 -3.9102815887 
# 
_struct_biol.id        1 
_struct_biol.details   ? 
# 
_struct_conf.conf_type_id            HELX_P 
_struct_conf.id                      HELX_P1 
_struct_conf.pdbx_PDB_helix_id       1 
_struct_conf.beg_label_comp_id       PRO 
_struct_conf.beg_label_asym_id       A 
_struct_conf.beg_label_seq_id        72 
_struct_conf.pdbx_beg_PDB_ins_code   ? 
_struct_conf.end_label_comp_id       ILE 
_struct_conf.end_label_asym_id       A 
_struct_conf.end_label_seq_id        76 
_struct_conf.pdbx_end_PDB_ins_code   ? 
_struct_conf.beg_auth_comp_id        PRO 
_struct_conf.beg_auth_asym_id        A 
_struct_conf.beg_auth_seq_id         346 
_struct_conf.end_auth_comp_id        ILE 
_struct_conf.end_auth_asym_id        A 
_struct_conf.end_auth_seq_id         350 
_struct_conf.pdbx_PDB_helix_class    5 
_struct_conf.details                 ? 
_struct_conf.pdbx_PDB_helix_length   5 
# 
_struct_conf_type.id          HELX_P 
_struct_conf_type.criteria    ? 
_struct_conf_type.reference   ? 
# 
_struct_sheet.id               A 
_struct_sheet.type             ? 
_struct_sheet.number_strands   3 
_struct_sheet.details          ? 
# 
loop_
_struct_sheet_order.sheet_id 
_struct_sheet_order.range_id_1 
_struct_sheet_order.range_id_2 
_struct_sheet_order.offset 
_struct_sheet_order.sense 
A 1 2 ? anti-parallel 
A 2 3 ? anti-parallel 
# 
loop_
_struct_sheet_range.sheet_id 
_struct_sheet_range.id 
_struct_sheet_range.beg_label_comp_id 
_struct_sheet_range.beg_label_asym_id 
_struct_sheet_range.beg_label_seq_id 
_struct_sheet_range.pdbx_beg_PDB_ins_code 
_struct_sheet_range.end_label_comp_id 
_struct_sheet_range.end_label_asym_id 
_struct_sheet_range.end_label_seq_id 
_struct_sheet_range.pdbx_end_PDB_ins_code 
_struct_sheet_range.beg_auth_comp_id 
_struct_sheet_range.beg_auth_asym_id 
_struct_sheet_range.beg_auth_seq_id 
_struct_sheet_range.end_auth_comp_id 
_struct_sheet_range.end_auth_asym_id 
_struct_sheet_range.end_auth_seq_id 
A 1 TRP A 33 ? PHE A 37 ? TRP A 307 PHE A 311 
A 2 PRO A 43 ? HIS A 47 ? PRO A 317 HIS A 321 
A 3 VAL A 52 ? THR A 54 ? VAL A 326 THR A 328 
# 
loop_
_pdbx_struct_sheet_hbond.sheet_id 
_pdbx_struct_sheet_hbond.range_id_1 
_pdbx_struct_sheet_hbond.range_id_2 
_pdbx_struct_sheet_hbond.range_1_label_atom_id 
_pdbx_struct_sheet_hbond.range_1_label_comp_id 
_pdbx_struct_sheet_hbond.range_1_label_asym_id 
_pdbx_struct_sheet_hbond.range_1_label_seq_id 
_pdbx_struct_sheet_hbond.range_1_PDB_ins_code 
_pdbx_struct_sheet_hbond.range_1_auth_atom_id 
_pdbx_struct_sheet_hbond.range_1_auth_comp_id 
_pdbx_struct_sheet_hbond.range_1_auth_asym_id 
_pdbx_struct_sheet_hbond.range_1_auth_seq_id 
_pdbx_struct_sheet_hbond.range_2_label_atom_id 
_pdbx_struct_sheet_hbond.range_2_label_comp_id 
_pdbx_struct_sheet_hbond.range_2_label_asym_id 
_pdbx_struct_sheet_hbond.range_2_label_seq_id 
_pdbx_struct_sheet_hbond.range_2_PDB_ins_code 
_pdbx_struct_sheet_hbond.range_2_auth_atom_id 
_pdbx_struct_sheet_hbond.range_2_auth_comp_id 
_pdbx_struct_sheet_hbond.range_2_auth_asym_id 
_pdbx_struct_sheet_hbond.range_2_auth_seq_id 
A 1 2 N THR A 36 ? N THR A 310 O VAL A 44 ? O VAL A 318 
A 2 3 N HIS A 47 ? N HIS A 321 O VAL A 52 ? O VAL A 326 
# 
loop_
_pdbx_unobs_or_zero_occ_residues.id 
_pdbx_unobs_or_zero_occ_residues.PDB_model_num 
_pdbx_unobs_or_zero_occ_residues.polymer_flag 
_pdbx_unobs_or_zero_occ_residues.occupancy_flag 
_pdbx_unobs_or_zero_occ_residues.auth_asym_id 
_pdbx_unobs_or_zero_occ_residues.auth_comp_id 
_pdbx_unobs_or_zero_occ_residues.auth_seq_id 
_pdbx_unobs_or_zero_occ_residues.PDB_ins_code 
_pdbx_unobs_or_zero_occ_residues.label_asym_id 
_pdbx_unobs_or_zero_occ_residues.label_comp_id 
_pdbx_unobs_or_zero_occ_residues.label_seq_id 
1  1 Y 1 A SER 275 ? A SER 1  
2  1 Y 1 A ASP 276 ? A ASP 2  
3  1 Y 1 A GLY 277 ? A GLY 3  
4  1 Y 1 A GLU 278 ? A GLU 4  
5  1 Y 1 A THR 279 ? A THR 5  
6  1 Y 1 A SER 280 ? A SER 6  
7  1 Y 1 A VAL 281 ? A VAL 7  
8  1 Y 1 A GLN 282 ? A GLN 8  
9  1 Y 1 A PRO 283 ? A PRO 9  
10 1 Y 1 A MET 284 ? A MET 10 
11 1 Y 1 A MET 285 ? A MET 11 
12 1 Y 1 A THR 286 ? A THR 12 
13 1 Y 1 A LYS 287 ? A LYS 13 
14 1 Y 1 A ILE 288 ? A ILE 14 
15 1 Y 1 A LYS 289 ? A LYS 15 
16 1 Y 1 A THR 290 ? A THR 16 
17 1 Y 1 A VAL 291 ? A VAL 17 
18 1 Y 1 A LEU 292 ? A LEU 18 
19 1 Y 1 A LYS 293 ? A LYS 19 
20 1 Y 1 A SER 294 ? A SER 20 
21 1 Y 1 A ARG 295 ? A ARG 21 
22 1 Y 1 A GLY 296 ? A GLY 22 
23 1 Y 1 A ARG 297 ? A ARG 23 
24 1 Y 1 A LEU 353 ? A LEU 79 
# 
loop_
_chem_comp_atom.comp_id 
_chem_comp_atom.atom_id 
_chem_comp_atom.type_symbol 
_chem_comp_atom.pdbx_aromatic_flag 
_chem_comp_atom.pdbx_stereo_config 
_chem_comp_atom.pdbx_ordinal 
ARG N    N N N 1   
ARG CA   C N S 2   
ARG C    C N N 3   
ARG O    O N N 4   
ARG CB   C N N 5   
ARG CG   C N N 6   
ARG CD   C N N 7   
ARG NE   N N N 8   
ARG CZ   C N N 9   
ARG NH1  N N N 10  
ARG NH2  N N N 11  
ARG OXT  O N N 12  
ARG H    H N N 13  
ARG H2   H N N 14  
ARG HA   H N N 15  
ARG HB2  H N N 16  
ARG HB3  H N N 17  
ARG HG2  H N N 18  
ARG HG3  H N N 19  
ARG HD2  H N N 20  
ARG HD3  H N N 21  
ARG HE   H N N 22  
ARG HH11 H N N 23  
ARG HH12 H N N 24  
ARG HH21 H N N 25  
ARG HH22 H N N 26  
ARG HXT  H N N 27  
ASN N    N N N 28  
ASN CA   C N S 29  
ASN C    C N N 30  
ASN O    O N N 31  
ASN CB   C N N 32  
ASN CG   C N N 33  
ASN OD1  O N N 34  
ASN ND2  N N N 35  
ASN OXT  O N N 36  
ASN H    H N N 37  
ASN H2   H N N 38  
ASN HA   H N N 39  
ASN HB2  H N N 40  
ASN HB3  H N N 41  
ASN HD21 H N N 42  
ASN HD22 H N N 43  
ASN HXT  H N N 44  
ASP N    N N N 45  
ASP CA   C N S 46  
ASP C    C N N 47  
ASP O    O N N 48  
ASP CB   C N N 49  
ASP CG   C N N 50  
ASP OD1  O N N 51  
ASP OD2  O N N 52  
ASP OXT  O N N 53  
ASP H    H N N 54  
ASP H2   H N N 55  
ASP HA   H N N 56  
ASP HB2  H N N 57  
ASP HB3  H N N 58  
ASP HD2  H N N 59  
ASP HXT  H N N 60  
CYS N    N N N 61  
CYS CA   C N R 62  
CYS C    C N N 63  
CYS O    O N N 64  
CYS CB   C N N 65  
CYS SG   S N N 66  
CYS OXT  O N N 67  
CYS H    H N N 68  
CYS H2   H N N 69  
CYS HA   H N N 70  
CYS HB2  H N N 71  
CYS HB3  H N N 72  
CYS HG   H N N 73  
CYS HXT  H N N 74  
GLN N    N N N 75  
GLN CA   C N S 76  
GLN C    C N N 77  
GLN O    O N N 78  
GLN CB   C N N 79  
GLN CG   C N N 80  
GLN CD   C N N 81  
GLN OE1  O N N 82  
GLN NE2  N N N 83  
GLN OXT  O N N 84  
GLN H    H N N 85  
GLN H2   H N N 86  
GLN HA   H N N 87  
GLN HB2  H N N 88  
GLN HB3  H N N 89  
GLN HG2  H N N 90  
GLN HG3  H N N 91  
GLN HE21 H N N 92  
GLN HE22 H N N 93  
GLN HXT  H N N 94  
GLU N    N N N 95  
GLU CA   C N S 96  
GLU C    C N N 97  
GLU O    O N N 98  
GLU CB   C N N 99  
GLU CG   C N N 100 
GLU CD   C N N 101 
GLU OE1  O N N 102 
GLU OE2  O N N 103 
GLU OXT  O N N 104 
GLU H    H N N 105 
GLU H2   H N N 106 
GLU HA   H N N 107 
GLU HB2  H N N 108 
GLU HB3  H N N 109 
GLU HG2  H N N 110 
GLU HG3  H N N 111 
GLU HE2  H N N 112 
GLU HXT  H N N 113 
GLY N    N N N 114 
GLY CA   C N N 115 
GLY C    C N N 116 
GLY O    O N N 117 
GLY OXT  O N N 118 
GLY H    H N N 119 
GLY H2   H N N 120 
GLY HA2  H N N 121 
GLY HA3  H N N 122 
GLY HXT  H N N 123 
HIS N    N N N 124 
HIS CA   C N S 125 
HIS C    C N N 126 
HIS O    O N N 127 
HIS CB   C N N 128 
HIS CG   C Y N 129 
HIS ND1  N Y N 130 
HIS CD2  C Y N 131 
HIS CE1  C Y N 132 
HIS NE2  N Y N 133 
HIS OXT  O N N 134 
HIS H    H N N 135 
HIS H2   H N N 136 
HIS HA   H N N 137 
HIS HB2  H N N 138 
HIS HB3  H N N 139 
HIS HD1  H N N 140 
HIS HD2  H N N 141 
HIS HE1  H N N 142 
HIS HE2  H N N 143 
HIS HXT  H N N 144 
HOH O    O N N 145 
HOH H1   H N N 146 
HOH H2   H N N 147 
ILE N    N N N 148 
ILE CA   C N S 149 
ILE C    C N N 150 
ILE O    O N N 151 
ILE CB   C N S 152 
ILE CG1  C N N 153 
ILE CG2  C N N 154 
ILE CD1  C N N 155 
ILE OXT  O N N 156 
ILE H    H N N 157 
ILE H2   H N N 158 
ILE HA   H N N 159 
ILE HB   H N N 160 
ILE HG12 H N N 161 
ILE HG13 H N N 162 
ILE HG21 H N N 163 
ILE HG22 H N N 164 
ILE HG23 H N N 165 
ILE HD11 H N N 166 
ILE HD12 H N N 167 
ILE HD13 H N N 168 
ILE HXT  H N N 169 
LEU N    N N N 170 
LEU CA   C N S 171 
LEU C    C N N 172 
LEU O    O N N 173 
LEU CB   C N N 174 
LEU CG   C N N 175 
LEU CD1  C N N 176 
LEU CD2  C N N 177 
LEU OXT  O N N 178 
LEU H    H N N 179 
LEU H2   H N N 180 
LEU HA   H N N 181 
LEU HB2  H N N 182 
LEU HB3  H N N 183 
LEU HG   H N N 184 
LEU HD11 H N N 185 
LEU HD12 H N N 186 
LEU HD13 H N N 187 
LEU HD21 H N N 188 
LEU HD22 H N N 189 
LEU HD23 H N N 190 
LEU HXT  H N N 191 
LYS N    N N N 192 
LYS CA   C N S 193 
LYS C    C N N 194 
LYS O    O N N 195 
LYS CB   C N N 196 
LYS CG   C N N 197 
LYS CD   C N N 198 
LYS CE   C N N 199 
LYS NZ   N N N 200 
LYS OXT  O N N 201 
LYS H    H N N 202 
LYS H2   H N N 203 
LYS HA   H N N 204 
LYS HB2  H N N 205 
LYS HB3  H N N 206 
LYS HG2  H N N 207 
LYS HG3  H N N 208 
LYS HD2  H N N 209 
LYS HD3  H N N 210 
LYS HE2  H N N 211 
LYS HE3  H N N 212 
LYS HZ1  H N N 213 
LYS HZ2  H N N 214 
LYS HZ3  H N N 215 
LYS HXT  H N N 216 
MET N    N N N 217 
MET CA   C N S 218 
MET C    C N N 219 
MET O    O N N 220 
MET CB   C N N 221 
MET CG   C N N 222 
MET SD   S N N 223 
MET CE   C N N 224 
MET OXT  O N N 225 
MET H    H N N 226 
MET H2   H N N 227 
MET HA   H N N 228 
MET HB2  H N N 229 
MET HB3  H N N 230 
MET HG2  H N N 231 
MET HG3  H N N 232 
MET HE1  H N N 233 
MET HE2  H N N 234 
MET HE3  H N N 235 
MET HXT  H N N 236 
PHE N    N N N 237 
PHE CA   C N S 238 
PHE C    C N N 239 
PHE O    O N N 240 
PHE CB   C N N 241 
PHE CG   C Y N 242 
PHE CD1  C Y N 243 
PHE CD2  C Y N 244 
PHE CE1  C Y N 245 
PHE CE2  C Y N 246 
PHE CZ   C Y N 247 
PHE OXT  O N N 248 
PHE H    H N N 249 
PHE H2   H N N 250 
PHE HA   H N N 251 
PHE HB2  H N N 252 
PHE HB3  H N N 253 
PHE HD1  H N N 254 
PHE HD2  H N N 255 
PHE HE1  H N N 256 
PHE HE2  H N N 257 
PHE HZ   H N N 258 
PHE HXT  H N N 259 
PRO N    N N N 260 
PRO CA   C N S 261 
PRO C    C N N 262 
PRO O    O N N 263 
PRO CB   C N N 264 
PRO CG   C N N 265 
PRO CD   C N N 266 
PRO OXT  O N N 267 
PRO H    H N N 268 
PRO HA   H N N 269 
PRO HB2  H N N 270 
PRO HB3  H N N 271 
PRO HG2  H N N 272 
PRO HG3  H N N 273 
PRO HD2  H N N 274 
PRO HD3  H N N 275 
PRO HXT  H N N 276 
SER N    N N N 277 
SER CA   C N S 278 
SER C    C N N 279 
SER O    O N N 280 
SER CB   C N N 281 
SER OG   O N N 282 
SER OXT  O N N 283 
SER H    H N N 284 
SER H2   H N N 285 
SER HA   H N N 286 
SER HB2  H N N 287 
SER HB3  H N N 288 
SER HG   H N N 289 
SER HXT  H N N 290 
THR N    N N N 291 
THR CA   C N S 292 
THR C    C N N 293 
THR O    O N N 294 
THR CB   C N R 295 
THR OG1  O N N 296 
THR CG2  C N N 297 
THR OXT  O N N 298 
THR H    H N N 299 
THR H2   H N N 300 
THR HA   H N N 301 
THR HB   H N N 302 
THR HG1  H N N 303 
THR HG21 H N N 304 
THR HG22 H N N 305 
THR HG23 H N N 306 
THR HXT  H N N 307 
TRP N    N N N 308 
TRP CA   C N S 309 
TRP C    C N N 310 
TRP O    O N N 311 
TRP CB   C N N 312 
TRP CG   C Y N 313 
TRP CD1  C Y N 314 
TRP CD2  C Y N 315 
TRP NE1  N Y N 316 
TRP CE2  C Y N 317 
TRP CE3  C Y N 318 
TRP CZ2  C Y N 319 
TRP CZ3  C Y N 320 
TRP CH2  C Y N 321 
TRP OXT  O N N 322 
TRP H    H N N 323 
TRP H2   H N N 324 
TRP HA   H N N 325 
TRP HB2  H N N 326 
TRP HB3  H N N 327 
TRP HD1  H N N 328 
TRP HE1  H N N 329 
TRP HE3  H N N 330 
TRP HZ2  H N N 331 
TRP HZ3  H N N 332 
TRP HH2  H N N 333 
TRP HXT  H N N 334 
TYR N    N N N 335 
TYR CA   C N S 336 
TYR C    C N N 337 
TYR O    O N N 338 
TYR CB   C N N 339 
TYR CG   C Y N 340 
TYR CD1  C Y N 341 
TYR CD2  C Y N 342 
TYR CE1  C Y N 343 
TYR CE2  C Y N 344 
TYR CZ   C Y N 345 
TYR OH   O N N 346 
TYR OXT  O N N 347 
TYR H    H N N 348 
TYR H2   H N N 349 
TYR HA   H N N 350 
TYR HB2  H N N 351 
TYR HB3  H N N 352 
TYR HD1  H N N 353 
TYR HD2  H N N 354 
TYR HE1  H N N 355 
TYR HE2  H N N 356 
TYR HH   H N N 357 
TYR HXT  H N N 358 
VAL N    N N N 359 
VAL CA   C N S 360 
VAL C    C N N 361 
VAL O    O N N 362 
VAL CB   C N N 363 
VAL CG1  C N N 364 
VAL CG2  C N N 365 
VAL OXT  O N N 366 
VAL H    H N N 367 
VAL H2   H N N 368 
VAL HA   H N N 369 
VAL HB   H N N 370 
VAL HG11 H N N 371 
VAL HG12 H N N 372 
VAL HG13 H N N 373 
VAL HG21 H N N 374 
VAL HG22 H N N 375 
VAL HG23 H N N 376 
VAL HXT  H N N 377 
# 
loop_
_chem_comp_bond.comp_id 
_chem_comp_bond.atom_id_1 
_chem_comp_bond.atom_id_2 
_chem_comp_bond.value_order 
_chem_comp_bond.pdbx_aromatic_flag 
_chem_comp_bond.pdbx_stereo_config 
_chem_comp_bond.pdbx_ordinal 
ARG N   CA   sing N N 1   
ARG N   H    sing N N 2   
ARG N   H2   sing N N 3   
ARG CA  C    sing N N 4   
ARG CA  CB   sing N N 5   
ARG CA  HA   sing N N 6   
ARG C   O    doub N N 7   
ARG C   OXT  sing N N 8   
ARG CB  CG   sing N N 9   
ARG CB  HB2  sing N N 10  
ARG CB  HB3  sing N N 11  
ARG CG  CD   sing N N 12  
ARG CG  HG2  sing N N 13  
ARG CG  HG3  sing N N 14  
ARG CD  NE   sing N N 15  
ARG CD  HD2  sing N N 16  
ARG CD  HD3  sing N N 17  
ARG NE  CZ   sing N N 18  
ARG NE  HE   sing N N 19  
ARG CZ  NH1  sing N N 20  
ARG CZ  NH2  doub N N 21  
ARG NH1 HH11 sing N N 22  
ARG NH1 HH12 sing N N 23  
ARG NH2 HH21 sing N N 24  
ARG NH2 HH22 sing N N 25  
ARG OXT HXT  sing N N 26  
ASN N   CA   sing N N 27  
ASN N   H    sing N N 28  
ASN N   H2   sing N N 29  
ASN CA  C    sing N N 30  
ASN CA  CB   sing N N 31  
ASN CA  HA   sing N N 32  
ASN C   O    doub N N 33  
ASN C   OXT  sing N N 34  
ASN CB  CG   sing N N 35  
ASN CB  HB2  sing N N 36  
ASN CB  HB3  sing N N 37  
ASN CG  OD1  doub N N 38  
ASN CG  ND2  sing N N 39  
ASN ND2 HD21 sing N N 40  
ASN ND2 HD22 sing N N 41  
ASN OXT HXT  sing N N 42  
ASP N   CA   sing N N 43  
ASP N   H    sing N N 44  
ASP N   H2   sing N N 45  
ASP CA  C    sing N N 46  
ASP CA  CB   sing N N 47  
ASP CA  HA   sing N N 48  
ASP C   O    doub N N 49  
ASP C   OXT  sing N N 50  
ASP CB  CG   sing N N 51  
ASP CB  HB2  sing N N 52  
ASP CB  HB3  sing N N 53  
ASP CG  OD1  doub N N 54  
ASP CG  OD2  sing N N 55  
ASP OD2 HD2  sing N N 56  
ASP OXT HXT  sing N N 57  
CYS N   CA   sing N N 58  
CYS N   H    sing N N 59  
CYS N   H2   sing N N 60  
CYS CA  C    sing N N 61  
CYS CA  CB   sing N N 62  
CYS CA  HA   sing N N 63  
CYS C   O    doub N N 64  
CYS C   OXT  sing N N 65  
CYS CB  SG   sing N N 66  
CYS CB  HB2  sing N N 67  
CYS CB  HB3  sing N N 68  
CYS SG  HG   sing N N 69  
CYS OXT HXT  sing N N 70  
GLN N   CA   sing N N 71  
GLN N   H    sing N N 72  
GLN N   H2   sing N N 73  
GLN CA  C    sing N N 74  
GLN CA  CB   sing N N 75  
GLN CA  HA   sing N N 76  
GLN C   O    doub N N 77  
GLN C   OXT  sing N N 78  
GLN CB  CG   sing N N 79  
GLN CB  HB2  sing N N 80  
GLN CB  HB3  sing N N 81  
GLN CG  CD   sing N N 82  
GLN CG  HG2  sing N N 83  
GLN CG  HG3  sing N N 84  
GLN CD  OE1  doub N N 85  
GLN CD  NE2  sing N N 86  
GLN NE2 HE21 sing N N 87  
GLN NE2 HE22 sing N N 88  
GLN OXT HXT  sing N N 89  
GLU N   CA   sing N N 90  
GLU N   H    sing N N 91  
GLU N   H2   sing N N 92  
GLU CA  C    sing N N 93  
GLU CA  CB   sing N N 94  
GLU CA  HA   sing N N 95  
GLU C   O    doub N N 96  
GLU C   OXT  sing N N 97  
GLU CB  CG   sing N N 98  
GLU CB  HB2  sing N N 99  
GLU CB  HB3  sing N N 100 
GLU CG  CD   sing N N 101 
GLU CG  HG2  sing N N 102 
GLU CG  HG3  sing N N 103 
GLU CD  OE1  doub N N 104 
GLU CD  OE2  sing N N 105 
GLU OE2 HE2  sing N N 106 
GLU OXT HXT  sing N N 107 
GLY N   CA   sing N N 108 
GLY N   H    sing N N 109 
GLY N   H2   sing N N 110 
GLY CA  C    sing N N 111 
GLY CA  HA2  sing N N 112 
GLY CA  HA3  sing N N 113 
GLY C   O    doub N N 114 
GLY C   OXT  sing N N 115 
GLY OXT HXT  sing N N 116 
HIS N   CA   sing N N 117 
HIS N   H    sing N N 118 
HIS N   H2   sing N N 119 
HIS CA  C    sing N N 120 
HIS CA  CB   sing N N 121 
HIS CA  HA   sing N N 122 
HIS C   O    doub N N 123 
HIS C   OXT  sing N N 124 
HIS CB  CG   sing N N 125 
HIS CB  HB2  sing N N 126 
HIS CB  HB3  sing N N 127 
HIS CG  ND1  sing Y N 128 
HIS CG  CD2  doub Y N 129 
HIS ND1 CE1  doub Y N 130 
HIS ND1 HD1  sing N N 131 
HIS CD2 NE2  sing Y N 132 
HIS CD2 HD2  sing N N 133 
HIS CE1 NE2  sing Y N 134 
HIS CE1 HE1  sing N N 135 
HIS NE2 HE2  sing N N 136 
HIS OXT HXT  sing N N 137 
HOH O   H1   sing N N 138 
HOH O   H2   sing N N 139 
ILE N   CA   sing N N 140 
ILE N   H    sing N N 141 
ILE N   H2   sing N N 142 
ILE CA  C    sing N N 143 
ILE CA  CB   sing N N 144 
ILE CA  HA   sing N N 145 
ILE C   O    doub N N 146 
ILE C   OXT  sing N N 147 
ILE CB  CG1  sing N N 148 
ILE CB  CG2  sing N N 149 
ILE CB  HB   sing N N 150 
ILE CG1 CD1  sing N N 151 
ILE CG1 HG12 sing N N 152 
ILE CG1 HG13 sing N N 153 
ILE CG2 HG21 sing N N 154 
ILE CG2 HG22 sing N N 155 
ILE CG2 HG23 sing N N 156 
ILE CD1 HD11 sing N N 157 
ILE CD1 HD12 sing N N 158 
ILE CD1 HD13 sing N N 159 
ILE OXT HXT  sing N N 160 
LEU N   CA   sing N N 161 
LEU N   H    sing N N 162 
LEU N   H2   sing N N 163 
LEU CA  C    sing N N 164 
LEU CA  CB   sing N N 165 
LEU CA  HA   sing N N 166 
LEU C   O    doub N N 167 
LEU C   OXT  sing N N 168 
LEU CB  CG   sing N N 169 
LEU CB  HB2  sing N N 170 
LEU CB  HB3  sing N N 171 
LEU CG  CD1  sing N N 172 
LEU CG  CD2  sing N N 173 
LEU CG  HG   sing N N 174 
LEU CD1 HD11 sing N N 175 
LEU CD1 HD12 sing N N 176 
LEU CD1 HD13 sing N N 177 
LEU CD2 HD21 sing N N 178 
LEU CD2 HD22 sing N N 179 
LEU CD2 HD23 sing N N 180 
LEU OXT HXT  sing N N 181 
LYS N   CA   sing N N 182 
LYS N   H    sing N N 183 
LYS N   H2   sing N N 184 
LYS CA  C    sing N N 185 
LYS CA  CB   sing N N 186 
LYS CA  HA   sing N N 187 
LYS C   O    doub N N 188 
LYS C   OXT  sing N N 189 
LYS CB  CG   sing N N 190 
LYS CB  HB2  sing N N 191 
LYS CB  HB3  sing N N 192 
LYS CG  CD   sing N N 193 
LYS CG  HG2  sing N N 194 
LYS CG  HG3  sing N N 195 
LYS CD  CE   sing N N 196 
LYS CD  HD2  sing N N 197 
LYS CD  HD3  sing N N 198 
LYS CE  NZ   sing N N 199 
LYS CE  HE2  sing N N 200 
LYS CE  HE3  sing N N 201 
LYS NZ  HZ1  sing N N 202 
LYS NZ  HZ2  sing N N 203 
LYS NZ  HZ3  sing N N 204 
LYS OXT HXT  sing N N 205 
MET N   CA   sing N N 206 
MET N   H    sing N N 207 
MET N   H2   sing N N 208 
MET CA  C    sing N N 209 
MET CA  CB   sing N N 210 
MET CA  HA   sing N N 211 
MET C   O    doub N N 212 
MET C   OXT  sing N N 213 
MET CB  CG   sing N N 214 
MET CB  HB2  sing N N 215 
MET CB  HB3  sing N N 216 
MET CG  SD   sing N N 217 
MET CG  HG2  sing N N 218 
MET CG  HG3  sing N N 219 
MET SD  CE   sing N N 220 
MET CE  HE1  sing N N 221 
MET CE  HE2  sing N N 222 
MET CE  HE3  sing N N 223 
MET OXT HXT  sing N N 224 
PHE N   CA   sing N N 225 
PHE N   H    sing N N 226 
PHE N   H2   sing N N 227 
PHE CA  C    sing N N 228 
PHE CA  CB   sing N N 229 
PHE CA  HA   sing N N 230 
PHE C   O    doub N N 231 
PHE C   OXT  sing N N 232 
PHE CB  CG   sing N N 233 
PHE CB  HB2  sing N N 234 
PHE CB  HB3  sing N N 235 
PHE CG  CD1  doub Y N 236 
PHE CG  CD2  sing Y N 237 
PHE CD1 CE1  sing Y N 238 
PHE CD1 HD1  sing N N 239 
PHE CD2 CE2  doub Y N 240 
PHE CD2 HD2  sing N N 241 
PHE CE1 CZ   doub Y N 242 
PHE CE1 HE1  sing N N 243 
PHE CE2 CZ   sing Y N 244 
PHE CE2 HE2  sing N N 245 
PHE CZ  HZ   sing N N 246 
PHE OXT HXT  sing N N 247 
PRO N   CA   sing N N 248 
PRO N   CD   sing N N 249 
PRO N   H    sing N N 250 
PRO CA  C    sing N N 251 
PRO CA  CB   sing N N 252 
PRO CA  HA   sing N N 253 
PRO C   O    doub N N 254 
PRO C   OXT  sing N N 255 
PRO CB  CG   sing N N 256 
PRO CB  HB2  sing N N 257 
PRO CB  HB3  sing N N 258 
PRO CG  CD   sing N N 259 
PRO CG  HG2  sing N N 260 
PRO CG  HG3  sing N N 261 
PRO CD  HD2  sing N N 262 
PRO CD  HD3  sing N N 263 
PRO OXT HXT  sing N N 264 
SER N   CA   sing N N 265 
SER N   H    sing N N 266 
SER N   H2   sing N N 267 
SER CA  C    sing N N 268 
SER CA  CB   sing N N 269 
SER CA  HA   sing N N 270 
SER C   O    doub N N 271 
SER C   OXT  sing N N 272 
SER CB  OG   sing N N 273 
SER CB  HB2  sing N N 274 
SER CB  HB3  sing N N 275 
SER OG  HG   sing N N 276 
SER OXT HXT  sing N N 277 
THR N   CA   sing N N 278 
THR N   H    sing N N 279 
THR N   H2   sing N N 280 
THR CA  C    sing N N 281 
THR CA  CB   sing N N 282 
THR CA  HA   sing N N 283 
THR C   O    doub N N 284 
THR C   OXT  sing N N 285 
THR CB  OG1  sing N N 286 
THR CB  CG2  sing N N 287 
THR CB  HB   sing N N 288 
THR OG1 HG1  sing N N 289 
THR CG2 HG21 sing N N 290 
THR CG2 HG22 sing N N 291 
THR CG2 HG23 sing N N 292 
THR OXT HXT  sing N N 293 
TRP N   CA   sing N N 294 
TRP N   H    sing N N 295 
TRP N   H2   sing N N 296 
TRP CA  C    sing N N 297 
TRP CA  CB   sing N N 298 
TRP CA  HA   sing N N 299 
TRP C   O    doub N N 300 
TRP C   OXT  sing N N 301 
TRP CB  CG   sing N N 302 
TRP CB  HB2  sing N N 303 
TRP CB  HB3  sing N N 304 
TRP CG  CD1  doub Y N 305 
TRP CG  CD2  sing Y N 306 
TRP CD1 NE1  sing Y N 307 
TRP CD1 HD1  sing N N 308 
TRP CD2 CE2  doub Y N 309 
TRP CD2 CE3  sing Y N 310 
TRP NE1 CE2  sing Y N 311 
TRP NE1 HE1  sing N N 312 
TRP CE2 CZ2  sing Y N 313 
TRP CE3 CZ3  doub Y N 314 
TRP CE3 HE3  sing N N 315 
TRP CZ2 CH2  doub Y N 316 
TRP CZ2 HZ2  sing N N 317 
TRP CZ3 CH2  sing Y N 318 
TRP CZ3 HZ3  sing N N 319 
TRP CH2 HH2  sing N N 320 
TRP OXT HXT  sing N N 321 
TYR N   CA   sing N N 322 
TYR N   H    sing N N 323 
TYR N   H2   sing N N 324 
TYR CA  C    sing N N 325 
TYR CA  CB   sing N N 326 
TYR CA  HA   sing N N 327 
TYR C   O    doub N N 328 
TYR C   OXT  sing N N 329 
TYR CB  CG   sing N N 330 
TYR CB  HB2  sing N N 331 
TYR CB  HB3  sing N N 332 
TYR CG  CD1  doub Y N 333 
TYR CG  CD2  sing Y N 334 
TYR CD1 CE1  sing Y N 335 
TYR CD1 HD1  sing N N 336 
TYR CD2 CE2  doub Y N 337 
TYR CD2 HD2  sing N N 338 
TYR CE1 CZ   doub Y N 339 
TYR CE1 HE1  sing N N 340 
TYR CE2 CZ   sing Y N 341 
TYR CE2 HE2  sing N N 342 
TYR CZ  OH   sing N N 343 
TYR OH  HH   sing N N 344 
TYR OXT HXT  sing N N 345 
VAL N   CA   sing N N 346 
VAL N   H    sing N N 347 
VAL N   H2   sing N N 348 
VAL CA  C    sing N N 349 
VAL CA  CB   sing N N 350 
VAL CA  HA   sing N N 351 
VAL C   O    doub N N 352 
VAL C   OXT  sing N N 353 
VAL CB  CG1  sing N N 354 
VAL CB  CG2  sing N N 355 
VAL CB  HB   sing N N 356 
VAL CG1 HG11 sing N N 357 
VAL CG1 HG12 sing N N 358 
VAL CG1 HG13 sing N N 359 
VAL CG2 HG21 sing N N 360 
VAL CG2 HG22 sing N N 361 
VAL CG2 HG23 sing N N 362 
VAL OXT HXT  sing N N 363 
# 
_atom_sites.entry_id                    3LE4 
_atom_sites.fract_transf_matrix[1][1]   -0.00780863 
_atom_sites.fract_transf_matrix[1][2]   0.00611199 
_atom_sites.fract_transf_matrix[1][3]   -0.02298194 
_atom_sites.fract_transf_matrix[2][1]   -0.02036329 
_atom_sites.fract_transf_matrix[2][2]   0.01077504 
_atom_sites.fract_transf_matrix[2][3]   0.00978448 
_atom_sites.fract_transf_matrix[3][1]   0.00608635 
_atom_sites.fract_transf_matrix[3][2]   0.01077745 
_atom_sites.fract_transf_matrix[3][3]   0.00079827 
_atom_sites.fract_transf_vector[1]      0.246751 
_atom_sites.fract_transf_vector[2]      0.566545 
_atom_sites.fract_transf_vector[3]      0.247816 
# 
loop_
_atom_type.symbol 
C 
N 
O 
S 
# 
loop_
_atom_site.group_PDB 
_atom_site.id 
_atom_site.type_symbol 
_atom_site.label_atom_id 
_atom_site.label_alt_id 
_atom_site.label_comp_id 
_atom_site.label_asym_id 
_atom_site.label_entity_id 
_atom_site.label_seq_id 
_atom_site.pdbx_PDB_ins_code 
_atom_site.Cartn_x 
_atom_site.Cartn_y 
_atom_site.Cartn_z 
_atom_site.occupancy 
_atom_site.B_iso_or_equiv 
_atom_site.pdbx_formal_charge 
_atom_site.auth_seq_id 
_atom_site.auth_comp_id 
_atom_site.auth_asym_id 
_atom_site.auth_atom_id 
_atom_site.pdbx_PDB_model_num 
ATOM   1   N N   . PRO A 1 24 ? 2.590   -3.815  12.764  1.00 46.33 ? 298 PRO A N   1 
ATOM   2   C CA  . PRO A 1 24 ? 2.875   -5.161  12.249  1.00 40.33 ? 298 PRO A CA  1 
ATOM   3   C C   . PRO A 1 24 ? 4.107   -5.161  11.353  1.00 46.73 ? 298 PRO A C   1 
ATOM   4   O O   . PRO A 1 24 ? 4.530   -4.090  10.902  1.00 47.27 ? 298 PRO A O   1 
ATOM   5   C CB  . PRO A 1 24 ? 1.633   -5.497  11.399  1.00 37.95 ? 298 PRO A CB  1 
ATOM   6   C CG  . PRO A 1 24 ? 0.711   -4.299  11.497  1.00 37.23 ? 298 PRO A CG  1 
ATOM   7   C CD  . PRO A 1 24 ? 1.506   -3.152  12.020  1.00 43.94 ? 298 PRO A CD  1 
ATOM   8   N N   . PRO A 1 25 ? 4.666   -6.347  11.077  1.00 45.92 ? 299 PRO A N   1 
ATOM   9   C CA  . PRO A 1 25 ? 5.761   -6.436  10.103  1.00 49.66 ? 299 PRO A CA  1 
ATOM   10  C C   . PRO A 1 25 ? 5.218   -5.997  8.751   1.00 45.57 ? 299 PRO A C   1 
ATOM   11  O O   . PRO A 1 25 ? 4.058   -6.324  8.475   1.00 40.70 ? 299 PRO A O   1 
ATOM   12  C CB  . PRO A 1 25 ? 6.077   -7.937  10.064  1.00 52.79 ? 299 PRO A CB  1 
ATOM   13  C CG  . PRO A 1 25 ? 5.427   -8.522  11.288  1.00 53.09 ? 299 PRO A CG  1 
ATOM   14  C CD  . PRO A 1 25 ? 4.228   -7.670  11.552  1.00 52.48 ? 299 PRO A CD  1 
ATOM   15  N N   . THR A 1 26 ? 5.997   -5.276  7.943   1.00 47.70 ? 300 THR A N   1 
ATOM   16  C CA  . THR A 1 26 ? 5.502   -4.857  6.629   1.00 37.53 ? 300 THR A CA  1 
ATOM   17  C C   . THR A 1 26 ? 5.896   -5.811  5.507   1.00 35.39 ? 300 THR A C   1 
ATOM   18  O O   . THR A 1 26 ? 7.024   -6.291  5.458   1.00 38.09 ? 300 THR A O   1 
ATOM   19  C CB  . THR A 1 26 ? 5.950   -3.424  6.233   1.00 32.36 ? 300 THR A CB  1 
ATOM   20  O OG1 . THR A 1 26 ? 7.359   -3.292  6.438   1.00 45.17 ? 300 THR A OG1 1 
ATOM   21  C CG2 . THR A 1 26 ? 5.227   -2.388  7.049   1.00 37.57 ? 300 THR A CG2 1 
ATOM   22  N N   . GLU A 1 27 ? 4.946   -6.072  4.611   1.00 24.53 ? 301 GLU A N   1 
ATOM   23  C CA  . GLU A 1 27 ? 5.209   -6.746  3.347   1.00 27.27 ? 301 GLU A CA  1 
ATOM   24  C C   . GLU A 1 27 ? 5.753   -5.711  2.328   1.00 23.43 ? 301 GLU A C   1 
ATOM   25  O O   . GLU A 1 27 ? 5.419   -4.526  2.413   1.00 24.09 ? 301 GLU A O   1 
ATOM   26  C CB  . GLU A 1 27 ? 3.886   -7.333  2.866   1.00 34.72 ? 301 GLU A CB  1 
ATOM   27  C CG  . GLU A 1 27 ? 3.874   -7.857  1.462   1.00 43.55 ? 301 GLU A CG  1 
ATOM   28  C CD  . GLU A 1 27 ? 2.772   -8.882  1.251   1.00 55.41 ? 301 GLU A CD  1 
ATOM   29  O OE1 . GLU A 1 27 ? 2.205   -8.924  0.125   1.00 57.47 ? 301 GLU A OE1 1 
ATOM   30  O OE2 . GLU A 1 27 ? 2.478   -9.633  2.222   1.00 52.44 ? 301 GLU A OE2 1 
ATOM   31  N N   . PRO A 1 28 ? 6.571   -6.144  1.355   1.00 25.64 ? 302 PRO A N   1 
ATOM   32  C CA  . PRO A 1 28 ? 7.131   -5.133  0.443   1.00 23.05 ? 302 PRO A CA  1 
ATOM   33  C C   . PRO A 1 28 ? 6.052   -4.441  -0.390  1.00 20.93 ? 302 PRO A C   1 
ATOM   34  O O   . PRO A 1 28 ? 4.965   -5.002  -0.659  1.00 21.50 ? 302 PRO A O   1 
ATOM   35  C CB  . PRO A 1 28 ? 8.049   -5.943  -0.484  1.00 25.03 ? 302 PRO A CB  1 
ATOM   36  C CG  . PRO A 1 28 ? 8.300   -7.230  0.239   1.00 28.53 ? 302 PRO A CG  1 
ATOM   37  C CD  . PRO A 1 28 ? 7.075   -7.497  1.066   1.00 28.73 ? 302 PRO A CD  1 
ATOM   38  N N   . LEU A 1 29 ? 6.360   -3.224  -0.830  1.00 18.64 ? 303 LEU A N   1 
ATOM   39  C CA  . LEU A 1 29 ? 5.445   -2.532  -1.731  1.00 17.32 ? 303 LEU A CA  1 
ATOM   40  C C   . LEU A 1 29 ? 5.441   -3.199  -3.103  1.00 16.49 ? 303 LEU A C   1 
ATOM   41  O O   . LEU A 1 29 ? 6.446   -3.798  -3.518  1.00 20.90 ? 303 LEU A O   1 
ATOM   42  C CB  . LEU A 1 29 ? 5.831   -1.054  -1.886  1.00 17.07 ? 303 LEU A CB  1 
ATOM   43  C CG  . LEU A 1 29 ? 5.725   -0.182  -0.633  1.00 16.61 ? 303 LEU A CG  1 
ATOM   44  C CD1 . LEU A 1 29 ? 6.226   1.194   -0.982  1.00 17.06 ? 303 LEU A CD1 1 
ATOM   45  C CD2 . LEU A 1 29 ? 4.285   -0.095  -0.168  1.00 17.80 ? 303 LEU A CD2 1 
ATOM   46  N N   . PRO A 1 30 ? 4.320   -3.087  -3.831  1.00 18.73 ? 304 PRO A N   1 
ATOM   47  C CA  . PRO A 1 30 ? 4.336   -3.552  -5.219  1.00 17.91 ? 304 PRO A CA  1 
ATOM   48  C C   . PRO A 1 30 ? 5.251   -2.688  -6.099  1.00 18.26 ? 304 PRO A C   1 
ATOM   49  O O   . PRO A 1 30 ? 5.650   -1.558  -5.762  1.00 16.84 ? 304 PRO A O   1 
ATOM   50  C CB  . PRO A 1 30 ? 2.878   -3.390  -5.681  1.00 18.81 ? 304 PRO A CB  1 
ATOM   51  C CG  . PRO A 1 30 ? 2.074   -3.040  -4.453  1.00 19.26 ? 304 PRO A CG  1 
ATOM   52  C CD  . PRO A 1 30 ? 3.047   -2.441  -3.461  1.00 20.36 ? 304 PRO A CD  1 
ATOM   53  N N   . ASP A 1 31 ? 5.588   -3.233  -7.264  1.00 21.23 ? 305 ASP A N   1 
ATOM   54  C CA  . ASP A 1 31 ? 6.449   -2.512  -8.206  1.00 21.56 ? 305 ASP A CA  1 
ATOM   55  C C   . ASP A 1 31 ? 5.960   -1.087  -8.502  1.00 21.07 ? 305 ASP A C   1 
ATOM   56  O O   . ASP A 1 31 ? 4.775   -0.851  -8.773  1.00 20.71 ? 305 ASP A O   1 
ATOM   57  C CB  . ASP A 1 31 ? 6.566   -3.288  -9.524  1.00 24.42 ? 305 ASP A CB  1 
ATOM   58  C CG  . ASP A 1 31 ? 7.332   -4.605  -9.374  1.00 44.62 ? 305 ASP A CG  1 
ATOM   59  O OD1 . ASP A 1 31 ? 7.879   -5.092  -10.390 1.00 53.52 ? 305 ASP A OD1 1 
ATOM   60  O OD2 . ASP A 1 31 ? 7.394   -5.152  -8.243  1.00 43.40 ? 305 ASP A OD2 1 
ATOM   61  N N   . GLY A 1 32 ? 6.882   -0.133  -8.464  1.00 17.01 ? 306 GLY A N   1 
ATOM   62  C CA  . GLY A 1 32 ? 6.587   1.213   -8.914  1.00 16.51 ? 306 GLY A CA  1 
ATOM   63  C C   . GLY A 1 32 ? 6.060   2.123   -7.829  1.00 16.28 ? 306 GLY A C   1 
ATOM   64  O O   . GLY A 1 32 ? 5.782   3.291   -8.095  1.00 18.72 ? 306 GLY A O   1 
ATOM   65  N N   . TRP A 1 33 ? 5.914   1.585   -6.617  1.00 15.09 ? 307 TRP A N   1 
ATOM   66  C CA  . TRP A 1 33 ? 5.371   2.362   -5.504  1.00 14.49 ? 307 TRP A CA  1 
ATOM   67  C C   . TRP A 1 33 ? 6.469   2.786   -4.534  1.00 16.48 ? 307 TRP A C   1 
ATOM   68  O O   . TRP A 1 33 ? 7.466   2.093   -4.362  1.00 16.57 ? 307 TRP A O   1 
ATOM   69  C CB  . TRP A 1 33 ? 4.347   1.528   -4.740  1.00 15.98 ? 307 TRP A CB  1 
ATOM   70  C CG  . TRP A 1 33 ? 3.050   1.270   -5.485  1.00 16.00 ? 307 TRP A CG  1 
ATOM   71  C CD1 . TRP A 1 33 ? 2.788   0.254   -6.379  1.00 15.65 ? 307 TRP A CD1 1 
ATOM   72  C CD2 . TRP A 1 33 ? 1.846   2.045   -5.396  1.00 15.29 ? 307 TRP A CD2 1 
ATOM   73  N NE1 . TRP A 1 33 ? 1.476   0.340   -6.828  1.00 15.21 ? 307 TRP A NE1 1 
ATOM   74  C CE2 . TRP A 1 33 ? 0.887   1.435   -6.253  1.00 15.77 ? 307 TRP A CE2 1 
ATOM   75  C CE3 . TRP A 1 33 ? 1.477   3.183   -4.669  1.00 15.48 ? 307 TRP A CE3 1 
ATOM   76  C CZ2 . TRP A 1 33 ? -0.419  1.929   -6.390  1.00 14.05 ? 307 TRP A CZ2 1 
ATOM   77  C CZ3 . TRP A 1 33 ? 0.179   3.692   -4.828  1.00 14.64 ? 307 TRP A CZ3 1 
ATOM   78  C CH2 . TRP A 1 33 ? -0.750  3.058   -5.672  1.00 15.84 ? 307 TRP A CH2 1 
ATOM   79  N N   . ILE A 1 34 ? 6.245   3.913   -3.865  1.00 15.85 ? 308 ILE A N   1 
ATOM   80  C CA  . ILE A 1 34 ? 7.166   4.377   -2.845  1.00 16.56 ? 308 ILE A CA  1 
ATOM   81  C C   . ILE A 1 34 ? 6.378   4.998   -1.683  1.00 18.50 ? 308 ILE A C   1 
ATOM   82  O O   . ILE A 1 34 ? 5.356   5.659   -1.904  1.00 17.73 ? 308 ILE A O   1 
ATOM   83  C CB  . ILE A 1 34 ? 8.170   5.389   -3.419  1.00 16.68 ? 308 ILE A CB  1 
ATOM   84  C CG1 . ILE A 1 34 ? 9.257   5.684   -2.371  1.00 22.04 ? 308 ILE A CG1 1 
ATOM   85  C CG2 . ILE A 1 34 ? 7.453   6.642   -3.895  1.00 21.62 ? 308 ILE A CG2 1 
ATOM   86  C CD1 . ILE A 1 34 ? 10.505  6.344   -2.931  1.00 31.31 ? 308 ILE A CD1 1 
ATOM   87  N N   . MET A 1 35 ? 6.831   4.737   -0.456  1.00 16.14 ? 309 MET A N   1 
ATOM   88  C CA  . MET A 1 35 ? 6.246   5.333   0.755   1.00 15.63 ? 309 MET A CA  1 
ATOM   89  C C   . MET A 1 35 ? 6.990   6.618   1.038   1.00 17.84 ? 309 MET A C   1 
ATOM   90  O O   . MET A 1 35 ? 8.230   6.626   1.126   1.00 19.87 ? 309 MET A O   1 
ATOM   91  C CB  . MET A 1 35 ? 6.391   4.379   1.952   1.00 17.69 ? 309 MET A CB  1 
ATOM   92  C CG  . MET A 1 35 ? 5.786   4.912   3.231   1.00 17.82 ? 309 MET A CG  1 
ATOM   93  S SD  . MET A 1 35 ? 5.975   3.720   4.581   1.00 23.98 ? 309 MET A SD  1 
ATOM   94  C CE  . MET A 1 35 ? 7.744   3.638   4.724   1.00 28.01 ? 309 MET A CE  1 
ATOM   95  N N   . THR A 1 36 ? 6.254   7.714   1.177   1.00 16.01 ? 310 THR A N   1 
ATOM   96  C CA  . THR A 1 36 ? 6.905   9.013   1.287   1.00 16.31 ? 310 THR A CA  1 
ATOM   97  C C   . THR A 1 36 ? 6.165   9.886   2.295   1.00 22.00 ? 310 THR A C   1 
ATOM   98  O O   . THR A 1 36 ? 5.038   9.582   2.684   1.00 22.28 ? 310 THR A O   1 
ATOM   99  C CB  . THR A 1 36 ? 7.025   9.669   -0.102  1.00 22.90 ? 310 THR A CB  1 
ATOM   100 O OG1 . THR A 1 36 ? 7.898   10.808  -0.045  1.00 26.76 ? 310 THR A OG1 1 
ATOM   101 C CG2 . THR A 1 36 ? 5.669   10.080  -0.624  1.00 24.15 ? 310 THR A CG2 1 
ATOM   102 N N   . PHE A 1 37 ? 6.806   10.958  2.732   1.00 22.38 ? 311 PHE A N   1 
ATOM   103 C CA  . PHE A 1 37 ? 6.273   11.761  3.826   1.00 24.23 ? 311 PHE A CA  1 
ATOM   104 C C   . PHE A 1 37 ? 5.199   12.723  3.327   1.00 23.17 ? 311 PHE A C   1 
ATOM   105 O O   . PHE A 1 37 ? 5.344   13.294  2.239   1.00 24.91 ? 311 PHE A O   1 
ATOM   106 C CB  . PHE A 1 37 ? 7.421   12.560  4.435   1.00 26.08 ? 311 PHE A CB  1 
ATOM   107 C CG  . PHE A 1 37 ? 6.998   13.474  5.534   1.00 31.37 ? 311 PHE A CG  1 
ATOM   108 C CD1 . PHE A 1 37 ? 6.647   12.964  6.769   1.00 29.79 ? 311 PHE A CD1 1 
ATOM   109 C CD2 . PHE A 1 37 ? 6.955   14.850  5.333   1.00 33.97 ? 311 PHE A CD2 1 
ATOM   110 C CE1 . PHE A 1 37 ? 6.259   13.814  7.800   1.00 30.62 ? 311 PHE A CE1 1 
ATOM   111 C CE2 . PHE A 1 37 ? 6.569   15.695  6.360   1.00 31.57 ? 311 PHE A CE2 1 
ATOM   112 C CZ  . PHE A 1 37 ? 6.230   15.167  7.588   1.00 28.39 ? 311 PHE A CZ  1 
ATOM   113 N N   . HIS A 1 38 ? 4.110   12.867  4.088   1.00 21.94 ? 312 HIS A N   1 
ATOM   114 C CA  . HIS A 1 38 ? 3.138   13.921  3.820   1.00 19.50 ? 312 HIS A CA  1 
ATOM   115 C C   . HIS A 1 38 ? 3.148   14.890  5.002   1.00 20.50 ? 312 HIS A C   1 
ATOM   116 O O   . HIS A 1 38 ? 3.282   14.446  6.141   1.00 22.68 ? 312 HIS A O   1 
ATOM   117 C CB  . HIS A 1 38 ? 1.734   13.351  3.619   1.00 20.92 ? 312 HIS A CB  1 
ATOM   118 C CG  . HIS A 1 38 ? 0.727   14.391  3.248   1.00 22.58 ? 312 HIS A CG  1 
ATOM   119 N ND1 . HIS A 1 38 ? -0.123  14.963  4.172   1.00 21.08 ? 312 HIS A ND1 1 
ATOM   120 C CD2 . HIS A 1 38 ? 0.458   14.990  2.065   1.00 22.99 ? 312 HIS A CD2 1 
ATOM   121 C CE1 . HIS A 1 38 ? -0.870  15.874  3.572   1.00 21.08 ? 312 HIS A CE1 1 
ATOM   122 N NE2 . HIS A 1 38 ? -0.549  15.899  2.290   1.00 17.44 ? 312 HIS A NE2 1 
ATOM   123 N N   . ASN A 1 39 ? 2.979   16.184  4.731   1.00 21.15 ? 313 ASN A N   1 
ATOM   124 C CA  . ASN A 1 39 ? 3.095   17.223  5.768   1.00 22.13 ? 313 ASN A CA  1 
ATOM   125 C C   . ASN A 1 39 ? 2.170   17.008  6.962   1.00 22.06 ? 313 ASN A C   1 
ATOM   126 O O   . ASN A 1 39 ? 2.464   17.448  8.081   1.00 20.89 ? 313 ASN A O   1 
ATOM   127 C CB  . ASN A 1 39 ? 2.876   18.621  5.172   1.00 23.24 ? 313 ASN A CB  1 
ATOM   128 C CG  . ASN A 1 39 ? 4.135   19.174  4.462   1.00 26.18 ? 313 ASN A CG  1 
ATOM   129 O OD1 . ASN A 1 39 ? 5.234   18.575  4.520   1.00 26.76 ? 313 ASN A OD1 1 
ATOM   130 N ND2 . ASN A 1 39 ? 3.981   20.327  3.791   1.00 29.66 ? 313 ASN A ND2 1 
ATOM   131 N N   . SER A 1 40 ? 1.069   16.296  6.735   1.00 19.01 ? 314 SER A N   1 
ATOM   132 C CA  . SER A 1 40 ? 0.142   15.962  7.814   1.00 17.70 ? 314 SER A CA  1 
ATOM   133 C C   . SER A 1 40 ? 0.780   15.084  8.878   1.00 21.39 ? 314 SER A C   1 
ATOM   134 O O   . SER A 1 40 ? 0.244   14.950  9.977   1.00 22.52 ? 314 SER A O   1 
ATOM   135 C CB  . SER A 1 40 ? -1.102  15.269  7.253   1.00 21.50 ? 314 SER A CB  1 
ATOM   136 O OG  . SER A 1 40 ? -0.780  13.979  6.768   1.00 22.67 ? 314 SER A OG  1 
ATOM   137 N N   . GLY A 1 41 ? 1.913   14.477  8.537   1.00 21.85 ? 315 GLY A N   1 
ATOM   138 C CA  . GLY A 1 41 ? 2.652   13.653  9.473   1.00 23.53 ? 315 GLY A CA  1 
ATOM   139 C C   . GLY A 1 41 ? 2.426   12.167  9.300   1.00 29.03 ? 315 GLY A C   1 
ATOM   140 O O   . GLY A 1 41 ? 2.902   11.369  10.105  1.00 31.91 ? 315 GLY A O   1 
ATOM   141 N N   . VAL A 1 42 ? 1.690   11.805  8.257   1.00 22.85 ? 316 VAL A N   1 
ATOM   142 C CA  . VAL A 1 42 ? 1.309   10.436  7.975   1.00 26.79 ? 316 VAL A CA  1 
ATOM   143 C C   . VAL A 1 42 ? 2.068   10.048  6.711   1.00 25.50 ? 316 VAL A C   1 
ATOM   144 O O   . VAL A 1 42 ? 2.261   10.889  5.852   1.00 24.83 ? 316 VAL A O   1 
ATOM   145 C CB  . VAL A 1 42 ? -0.215  10.388  7.728   1.00 25.53 ? 316 VAL A CB  1 
ATOM   146 C CG1 . VAL A 1 42 ? -0.616  9.209   6.878   1.00 31.97 ? 316 VAL A CG1 1 
ATOM   147 C CG2 . VAL A 1 42 ? -0.942  10.362  9.064   1.00 39.71 ? 316 VAL A CG2 1 
ATOM   148 N N   . PRO A 1 43 ? 2.533   8.788   6.605   1.00 24.84 ? 317 PRO A N   1 
ATOM   149 C CA  . PRO A 1 43 ? 3.167   8.406   5.337   1.00 20.14 ? 317 PRO A CA  1 
ATOM   150 C C   . PRO A 1 43 ? 2.085   8.203   4.282   1.00 21.55 ? 317 PRO A C   1 
ATOM   151 O O   . PRO A 1 43 ? 0.961   7.818   4.623   1.00 23.61 ? 317 PRO A O   1 
ATOM   152 C CB  . PRO A 1 43 ? 3.809   7.048   5.649   1.00 26.11 ? 317 PRO A CB  1 
ATOM   153 C CG  . PRO A 1 43 ? 3.553   6.780   7.096   1.00 31.77 ? 317 PRO A CG  1 
ATOM   154 C CD  . PRO A 1 43 ? 2.427   7.650   7.529   1.00 28.91 ? 317 PRO A CD  1 
ATOM   155 N N   . VAL A 1 44 ? 2.408   8.445   3.016   1.00 18.99 ? 318 VAL A N   1 
ATOM   156 C CA  . VAL A 1 44 ? 1.455   8.163   1.945   1.00 17.81 ? 318 VAL A CA  1 
ATOM   157 C C   . VAL A 1 44 ? 2.197   7.341   0.915   1.00 18.35 ? 318 VAL A C   1 
ATOM   158 O O   . VAL A 1 44 ? 3.429   7.252   0.965   1.00 18.85 ? 318 VAL A O   1 
ATOM   159 C CB  . VAL A 1 44 ? 0.885   9.438   1.297   1.00 19.25 ? 318 VAL A CB  1 
ATOM   160 C CG1 . VAL A 1 44 ? 0.041   10.202  2.317   1.00 19.07 ? 318 VAL A CG1 1 
ATOM   161 C CG2 . VAL A 1 44 ? 1.984   10.303  0.750   1.00 22.64 ? 318 VAL A CG2 1 
ATOM   162 N N   . TYR A 1 45 ? 1.457   6.727   -0.009  1.00 15.69 ? 319 TYR A N   1 
ATOM   163 C CA  . TYR A 1 45 ? 2.062   5.783   -0.943  1.00 15.57 ? 319 TYR A CA  1 
ATOM   164 C C   . TYR A 1 45 ? 1.790   6.276   -2.337  1.00 16.09 ? 319 TYR A C   1 
ATOM   165 O O   . TYR A 1 45 ? 0.634   6.479   -2.709  1.00 16.90 ? 319 TYR A O   1 
ATOM   166 C CB  . TYR A 1 45 ? 1.484   4.379   -0.726  1.00 16.25 ? 319 TYR A CB  1 
ATOM   167 C CG  . TYR A 1 45 ? 1.636   4.002   0.720   1.00 16.41 ? 319 TYR A CG  1 
ATOM   168 C CD1 . TYR A 1 45 ? 2.799   3.400   1.174   1.00 18.80 ? 319 TYR A CD1 1 
ATOM   169 C CD2 . TYR A 1 45 ? 0.663   4.329   1.645   1.00 16.54 ? 319 TYR A CD2 1 
ATOM   170 C CE1 . TYR A 1 45 ? 2.964   3.080   2.525   1.00 16.83 ? 319 TYR A CE1 1 
ATOM   171 C CE2 . TYR A 1 45 ? 0.823   4.018   2.987   1.00 18.07 ? 319 TYR A CE2 1 
ATOM   172 C CZ  . TYR A 1 45 ? 1.972   3.395   3.414   1.00 18.98 ? 319 TYR A CZ  1 
ATOM   173 O OH  . TYR A 1 45 ? 2.147   3.106   4.754   1.00 21.65 ? 319 TYR A OH  1 
ATOM   174 N N   . LEU A 1 46 ? 2.870   6.517   -3.081  1.00 13.52 ? 320 LEU A N   1 
ATOM   175 C CA  . LEU A 1 46 ? 2.783   7.109   -4.412  1.00 14.71 ? 320 LEU A CA  1 
ATOM   176 C C   . LEU A 1 46 ? 3.204   6.105   -5.465  1.00 17.38 ? 320 LEU A C   1 
ATOM   177 O O   . LEU A 1 46 ? 4.243   5.461   -5.331  1.00 15.84 ? 320 LEU A O   1 
ATOM   178 C CB  . LEU A 1 46 ? 3.728   8.310   -4.494  1.00 16.50 ? 320 LEU A CB  1 
ATOM   179 C CG  . LEU A 1 46 ? 4.000   8.900   -5.887  1.00 18.02 ? 320 LEU A CG  1 
ATOM   180 C CD1 . LEU A 1 46 ? 2.758   9.585   -6.420  1.00 18.52 ? 320 LEU A CD1 1 
ATOM   181 C CD2 . LEU A 1 46 ? 5.174   9.881   -5.850  1.00 20.37 ? 320 LEU A CD2 1 
ATOM   182 N N   . HIS A 1 47 ? 2.408   5.979   -6.520  1.00 16.24 ? 321 HIS A N   1 
ATOM   183 C CA  . HIS A 1 47 ? 2.868   5.230   -7.677  1.00 15.31 ? 321 HIS A CA  1 
ATOM   184 C C   . HIS A 1 47 ? 3.465   6.241   -8.640  1.00 18.70 ? 321 HIS A C   1 
ATOM   185 O O   . HIS A 1 47 ? 2.741   7.050   -9.231  1.00 18.93 ? 321 HIS A O   1 
ATOM   186 C CB  . HIS A 1 47 ? 1.717   4.467   -8.340  1.00 17.86 ? 321 HIS A CB  1 
ATOM   187 C CG  . HIS A 1 47 ? 2.187   3.589   -9.459  1.00 18.32 ? 321 HIS A CG  1 
ATOM   188 N ND1 . HIS A 1 47 ? 2.168   3.993   -10.777 1.00 19.73 ? 321 HIS A ND1 1 
ATOM   189 C CD2 . HIS A 1 47 ? 2.758   2.359   -9.445  1.00 19.45 ? 321 HIS A CD2 1 
ATOM   190 C CE1 . HIS A 1 47 ? 2.689   3.038   -11.534 1.00 21.91 ? 321 HIS A CE1 1 
ATOM   191 N NE2 . HIS A 1 47 ? 3.057   2.036   -10.752 1.00 19.52 ? 321 HIS A NE2 1 
ATOM   192 N N   . ARG A 1 48 ? 4.793   6.233   -8.765  1.00 18.84 ? 322 ARG A N   1 
ATOM   193 C CA  . ARG A 1 48 ? 5.492   7.334   -9.423  1.00 19.92 ? 322 ARG A CA  1 
ATOM   194 C C   . ARG A 1 48 ? 5.044   7.584   -10.857 1.00 23.25 ? 322 ARG A C   1 
ATOM   195 O O   . ARG A 1 48 ? 4.791   8.733   -11.244 1.00 24.78 ? 322 ARG A O   1 
ATOM   196 C CB  . ARG A 1 48 ? 7.005   7.090   -9.407  1.00 24.76 ? 322 ARG A CB  1 
ATOM   197 C CG  . ARG A 1 48 ? 7.592   6.815   -8.040  1.00 33.22 ? 322 ARG A CG  1 
ATOM   198 C CD  . ARG A 1 48 ? 9.035   6.324   -8.183  1.00 33.16 ? 322 ARG A CD  1 
ATOM   199 N NE  . ARG A 1 48 ? 9.662   6.899   -9.368  1.00 40.25 ? 322 ARG A NE  1 
ATOM   200 C CZ  . ARG A 1 48 ? 9.767   6.279   -10.544 1.00 45.48 ? 322 ARG A CZ  1 
ATOM   201 N NH1 . ARG A 1 48 ? 9.291   5.042   -10.704 1.00 41.33 ? 322 ARG A NH1 1 
ATOM   202 N NH2 . ARG A 1 48 ? 10.347  6.902   -11.566 1.00 48.10 ? 322 ARG A NH2 1 
ATOM   203 N N   . GLU A 1 49 ? 4.946   6.523   -11.655 1.00 21.54 ? 323 GLU A N   1 
ATOM   204 C CA  . GLU A 1 49 ? 4.645   6.713   -13.076 1.00 23.10 ? 323 GLU A CA  1 
ATOM   205 C C   . GLU A 1 49 ? 3.231   7.209   -13.355 1.00 27.41 ? 323 GLU A C   1 
ATOM   206 O O   . GLU A 1 49 ? 3.019   7.992   -14.271 1.00 25.76 ? 323 GLU A O   1 
ATOM   207 C CB  . GLU A 1 49 ? 4.924   5.441   -13.868 1.00 26.70 ? 323 GLU A CB  1 
ATOM   208 C CG  . GLU A 1 49 ? 6.410   5.190   -14.049 1.00 43.19 ? 323 GLU A CG  1 
ATOM   209 C CD  . GLU A 1 49 ? 6.697   4.103   -15.072 1.00 67.13 ? 323 GLU A CD  1 
ATOM   210 O OE1 . GLU A 1 49 ? 5.728   3.607   -15.695 1.00 59.67 ? 323 GLU A OE1 1 
ATOM   211 O OE2 . GLU A 1 49 ? 7.888   3.754   -15.254 1.00 79.51 ? 323 GLU A OE2 1 
ATOM   212 N N   . SER A 1 50 ? 2.262   6.761   -12.559 1.00 19.59 ? 324 SER A N   1 
ATOM   213 C CA  . SER A 1 50 ? 0.872   7.154   -12.767 1.00 17.95 ? 324 SER A CA  1 
ATOM   214 C C   . SER A 1 50 ? 0.460   8.370   -11.943 1.00 20.61 ? 324 SER A C   1 
ATOM   215 O O   . SER A 1 50 ? -0.654  8.899   -12.132 1.00 19.47 ? 324 SER A O   1 
ATOM   216 C CB  . SER A 1 50 ? -0.070  5.975   -12.473 1.00 19.05 ? 324 SER A CB  1 
ATOM   217 O OG  . SER A 1 50 ? -0.013  5.600   -11.107 1.00 18.83 ? 324 SER A OG  1 
ATOM   218 N N   . ARG A 1 51 ? 1.338   8.774   -11.023 1.00 18.40 ? 325 ARG A N   1 
ATOM   219 C CA  . ARG A 1 51 ? 1.093   9.884   -10.100 1.00 18.18 ? 325 ARG A CA  1 
ATOM   220 C C   . ARG A 1 51 ? -0.165  9.636   -9.275  1.00 18.43 ? 325 ARG A C   1 
ATOM   221 O O   . ARG A 1 51 ? -0.951  10.554  -9.053  1.00 20.13 ? 325 ARG A O   1 
ATOM   222 C CB  . ARG A 1 51 ? 0.981   11.219  -10.854 1.00 23.53 ? 325 ARG A CB  1 
ATOM   223 C CG  . ARG A 1 51 ? 2.284   11.650  -11.532 1.00 26.00 ? 325 ARG A CG  1 
ATOM   224 C CD  . ARG A 1 51 ? 3.355   11.990  -10.504 1.00 27.55 ? 325 ARG A CD  1 
ATOM   225 N NE  . ARG A 1 51 ? 2.999   13.172  -9.721  1.00 34.47 ? 325 ARG A NE  1 
ATOM   226 C CZ  . ARG A 1 51 ? 3.749   13.696  -8.751  1.00 35.11 ? 325 ARG A CZ  1 
ATOM   227 N NH1 . ARG A 1 51 ? 4.924   13.148  -8.442  1.00 33.52 ? 325 ARG A NH1 1 
ATOM   228 N NH2 . ARG A 1 51 ? 3.326   14.779  -8.096  1.00 34.49 ? 325 ARG A NH2 1 
ATOM   229 N N   . VAL A 1 52 ? -0.336  8.398   -8.826  1.00 16.62 ? 326 VAL A N   1 
ATOM   230 C CA  . VAL A 1 52 ? -1.500  8.027   -8.018  1.00 16.63 ? 326 VAL A CA  1 
ATOM   231 C C   . VAL A 1 52 ? -1.071  7.883   -6.563  1.00 17.20 ? 326 VAL A C   1 
ATOM   232 O O   . VAL A 1 52 ? 0.001   7.334   -6.280  1.00 16.58 ? 326 VAL A O   1 
ATOM   233 C CB  . VAL A 1 52 ? -2.130  6.714   -8.551  1.00 17.96 ? 326 VAL A CB  1 
ATOM   234 C CG1 . VAL A 1 52 ? -3.089  6.078   -7.532  1.00 18.41 ? 326 VAL A CG1 1 
ATOM   235 C CG2 . VAL A 1 52 ? -2.863  7.005   -9.858  1.00 19.47 ? 326 VAL A CG2 1 
ATOM   236 N N   . VAL A 1 53 ? -1.909  8.367   -5.642  1.00 14.84 ? 327 VAL A N   1 
ATOM   237 C CA  . VAL A 1 53 ? -1.588  8.282   -4.226  1.00 14.21 ? 327 VAL A CA  1 
ATOM   238 C C   . VAL A 1 53 ? -2.667  7.493   -3.512  1.00 14.74 ? 327 VAL A C   1 
ATOM   239 O O   . VAL A 1 53 ? -3.849  7.595   -3.860  1.00 15.64 ? 327 VAL A O   1 
ATOM   240 C CB  . VAL A 1 53 ? -1.469  9.695   -3.615  1.00 14.08 ? 327 VAL A CB  1 
ATOM   241 C CG1 . VAL A 1 53 ? -1.189  9.625   -2.111  1.00 16.30 ? 327 VAL A CG1 1 
ATOM   242 C CG2 . VAL A 1 53 ? -0.361  10.450  -4.296  1.00 17.50 ? 327 VAL A CG2 1 
ATOM   243 N N   . THR A 1 54 ? -2.261  6.687   -2.542  1.00 15.00 ? 328 THR A N   1 
ATOM   244 C CA  . THR A 1 54 ? -3.197  6.156   -1.558  1.00 15.50 ? 328 THR A CA  1 
ATOM   245 C C   . THR A 1 54 ? -2.638  6.321   -0.140  1.00 15.92 ? 328 THR A C   1 
ATOM   246 O O   . THR A 1 54 ? -1.419  6.369   0.051   1.00 17.11 ? 328 THR A O   1 
ATOM   247 C CB  . THR A 1 54 ? -3.546  4.670   -1.813  1.00 15.99 ? 328 THR A CB  1 
ATOM   248 O OG1 . THR A 1 54 ? -4.517  4.226   -0.852  1.00 18.24 ? 328 THR A OG1 1 
ATOM   249 C CG2 . THR A 1 54 ? -2.288  3.790   -1.716  1.00 17.17 ? 328 THR A CG2 1 
ATOM   250 N N   . TRP A 1 55 ? -3.541  6.407   0.839   1.00 16.59 ? 329 TRP A N   1 
ATOM   251 C CA  . TRP A 1 55 ? -3.148  6.583   2.231   1.00 15.63 ? 329 TRP A CA  1 
ATOM   252 C C   . TRP A 1 55 ? -3.068  5.285   3.037   1.00 17.93 ? 329 TRP A C   1 
ATOM   253 O O   . TRP A 1 55 ? -2.791  5.319   4.245   1.00 18.89 ? 329 TRP A O   1 
ATOM   254 C CB  . TRP A 1 55 ? -4.084  7.596   2.890   1.00 18.27 ? 329 TRP A CB  1 
ATOM   255 C CG  . TRP A 1 55 ? -3.799  8.966   2.420   1.00 18.79 ? 329 TRP A CG  1 
ATOM   256 C CD1 . TRP A 1 55 ? -3.760  9.408   1.118   1.00 19.58 ? 329 TRP A CD1 1 
ATOM   257 C CD2 . TRP A 1 55 ? -3.479  10.098  3.239   1.00 19.13 ? 329 TRP A CD2 1 
ATOM   258 N NE1 . TRP A 1 55 ? -3.434  10.746  1.089   1.00 20.76 ? 329 TRP A NE1 1 
ATOM   259 C CE2 . TRP A 1 55 ? -3.262  11.193  2.374   1.00 19.06 ? 329 TRP A CE2 1 
ATOM   260 C CE3 . TRP A 1 55 ? -3.369  10.294  4.619   1.00 23.10 ? 329 TRP A CE3 1 
ATOM   261 C CZ2 . TRP A 1 55 ? -2.918  12.462  2.852   1.00 23.13 ? 329 TRP A CZ2 1 
ATOM   262 C CZ3 . TRP A 1 55 ? -3.031  11.548  5.085   1.00 21.73 ? 329 TRP A CZ3 1 
ATOM   263 C CH2 . TRP A 1 55 ? -2.824  12.616  4.209   1.00 23.79 ? 329 TRP A CH2 1 
ATOM   264 N N   . SER A 1 56 ? -3.312  4.144   2.384   1.00 17.22 ? 330 SER A N   1 
ATOM   265 C CA  . SER A 1 56 ? -3.164  2.835   3.032   1.00 16.20 ? 330 SER A CA  1 
ATOM   266 C C   . SER A 1 56 ? -2.187  2.028   2.213   1.00 19.15 ? 330 SER A C   1 
ATOM   267 O O   . SER A 1 56 ? -2.227  2.081   0.987   1.00 21.77 ? 330 SER A O   1 
ATOM   268 C CB  . SER A 1 56 ? -4.510  2.100   3.078   1.00 18.32 ? 330 SER A CB  1 
ATOM   269 O OG  . SER A 1 56 ? -5.346  2.754   4.027   1.00 26.52 ? 330 SER A OG  1 
ATOM   270 N N   . ARG A 1 57 ? -1.294  1.305   2.878   1.00 16.47 ? 331 ARG A N   1 
ATOM   271 C CA  . ARG A 1 57 ? -0.193  0.646   2.178   1.00 15.00 ? 331 ARG A CA  1 
ATOM   272 C C   . ARG A 1 57 ? -0.730  -0.332  1.124   1.00 17.50 ? 331 ARG A C   1 
ATOM   273 O O   . ARG A 1 57 ? -1.465  -1.282  1.462   1.00 15.78 ? 331 ARG A O   1 
ATOM   274 C CB  . ARG A 1 57 ? 0.665   -0.115  3.197   1.00 14.90 ? 331 ARG A CB  1 
ATOM   275 C CG  . ARG A 1 57 ? 1.945   -0.690  2.616   1.00 16.78 ? 331 ARG A CG  1 
ATOM   276 C CD  . ARG A 1 57 ? 2.745   -1.417  3.698   1.00 16.63 ? 331 ARG A CD  1 
ATOM   277 N NE  . ARG A 1 57 ? 3.996   -1.964  3.153   1.00 17.51 ? 331 ARG A NE  1 
ATOM   278 C CZ  . ARG A 1 57 ? 5.154   -1.307  3.124   1.00 21.22 ? 331 ARG A CZ  1 
ATOM   279 N NH1 . ARG A 1 57 ? 5.246   -0.073  3.614   1.00 20.50 ? 331 ARG A NH1 1 
ATOM   280 N NH2 . ARG A 1 57 ? 6.228   -1.882  2.602   1.00 19.90 ? 331 ARG A NH2 1 
ATOM   281 N N   . PRO A 1 58 ? -0.362  -0.123  -0.155  1.00 15.58 ? 332 PRO A N   1 
ATOM   282 C CA  . PRO A 1 58 ? -0.866  -1.050  -1.176  1.00 13.39 ? 332 PRO A CA  1 
ATOM   283 C C   . PRO A 1 58 ? -0.101  -2.366  -1.213  1.00 17.29 ? 332 PRO A C   1 
ATOM   284 O O   . PRO A 1 58 ? 1.052   -2.449  -0.725  1.00 16.31 ? 332 PRO A O   1 
ATOM   285 C CB  . PRO A 1 58 ? -0.658  -0.259  -2.463  1.00 15.06 ? 332 PRO A CB  1 
ATOM   286 C CG  . PRO A 1 58 ? 0.643   0.467   -2.188  1.00 14.67 ? 332 PRO A CG  1 
ATOM   287 C CD  . PRO A 1 58 ? 0.411   0.976   -0.763  1.00 16.59 ? 332 PRO A CD  1 
ATOM   288 N N   . TYR A 1 59 ? -0.725  -3.396  -1.777  1.00 15.49 ? 333 TYR A N   1 
ATOM   289 C CA  . TYR A 1 59 ? -0.062  -4.691  -1.839  1.00 17.35 ? 333 TYR A CA  1 
ATOM   290 C C   . TYR A 1 59 ? -0.441  -5.441  -3.107  1.00 17.23 ? 333 TYR A C   1 
ATOM   291 O O   . TYR A 1 59 ? -1.466  -5.172  -3.738  1.00 17.74 ? 333 TYR A O   1 
ATOM   292 C CB  . TYR A 1 59 ? -0.366  -5.552  -0.598  1.00 18.39 ? 333 TYR A CB  1 
ATOM   293 C CG  . TYR A 1 59 ? -1.845  -5.788  -0.354  1.00 17.67 ? 333 TYR A CG  1 
ATOM   294 C CD1 . TYR A 1 59 ? -2.465  -6.973  -0.768  1.00 17.12 ? 333 TYR A CD1 1 
ATOM   295 C CD2 . TYR A 1 59 ? -2.621  -4.830  0.282   1.00 16.53 ? 333 TYR A CD2 1 
ATOM   296 C CE1 . TYR A 1 59 ? -3.822  -7.195  -0.544  1.00 18.00 ? 333 TYR A CE1 1 
ATOM   297 C CE2 . TYR A 1 59 ? -3.987  -5.033  0.503   1.00 17.73 ? 333 TYR A CE2 1 
ATOM   298 C CZ  . TYR A 1 59 ? -4.575  -6.213  0.089   1.00 18.19 ? 333 TYR A CZ  1 
ATOM   299 O OH  . TYR A 1 59 ? -5.913  -6.410  0.315   1.00 20.40 ? 333 TYR A OH  1 
ATOM   300 N N   . PHE A 1 60 ? 0.427   -6.371  -3.486  1.00 19.23 ? 334 PHE A N   1 
ATOM   301 C CA  . PHE A 1 60 ? 0.188   -7.209  -4.655  1.00 18.29 ? 334 PHE A CA  1 
ATOM   302 C C   . PHE A 1 60 ? -0.669  -8.411  -4.267  1.00 21.54 ? 334 PHE A C   1 
ATOM   303 O O   . PHE A 1 60 ? -0.296  -9.211  -3.385  1.00 20.89 ? 334 PHE A O   1 
ATOM   304 C CB  . PHE A 1 60 ? 1.541   -7.653  -5.212  1.00 20.00 ? 334 PHE A CB  1 
ATOM   305 C CG  . PHE A 1 60 ? 1.447   -8.528  -6.419  1.00 18.59 ? 334 PHE A CG  1 
ATOM   306 C CD1 . PHE A 1 60 ? 0.943   -8.041  -7.601  1.00 21.82 ? 334 PHE A CD1 1 
ATOM   307 C CD2 . PHE A 1 60 ? 1.895   -9.851  -6.372  1.00 22.45 ? 334 PHE A CD2 1 
ATOM   308 C CE1 . PHE A 1 60 ? 0.870   -8.845  -8.719  1.00 23.88 ? 334 PHE A CE1 1 
ATOM   309 C CE2 . PHE A 1 60 ? 1.816   -10.670 -7.503  1.00 21.95 ? 334 PHE A CE2 1 
ATOM   310 C CZ  . PHE A 1 60 ? 1.299   -10.164 -8.668  1.00 24.55 ? 334 PHE A CZ  1 
ATOM   311 N N   . LEU A 1 61 ? -1.815  -8.536  -4.928  1.00 19.10 ? 335 LEU A N   1 
ATOM   312 C CA  . LEU A 1 61 ? -2.762  -9.602  -4.641  1.00 19.85 ? 335 LEU A CA  1 
ATOM   313 C C   . LEU A 1 61 ? -2.408  -10.844 -5.454  1.00 24.25 ? 335 LEU A C   1 
ATOM   314 O O   . LEU A 1 61 ? -2.666  -11.961 -5.027  1.00 27.14 ? 335 LEU A O   1 
ATOM   315 C CB  . LEU A 1 61 ? -4.180  -9.141  -4.990  1.00 20.58 ? 335 LEU A CB  1 
ATOM   316 C CG  . LEU A 1 61 ? -5.309  -10.171 -4.931  1.00 22.70 ? 335 LEU A CG  1 
ATOM   317 C CD1 . LEU A 1 61 ? -5.561  -10.589 -3.508  1.00 25.01 ? 335 LEU A CD1 1 
ATOM   318 C CD2 . LEU A 1 61 ? -6.560  -9.559  -5.507  1.00 24.75 ? 335 LEU A CD2 1 
ATOM   319 N N   . GLY A 1 62 ? -1.829  -10.637 -6.631  1.00 27.71 ? 336 GLY A N   1 
ATOM   320 C CA  . GLY A 1 62 ? -1.507  -11.741 -7.513  1.00 31.06 ? 336 GLY A CA  1 
ATOM   321 C C   . GLY A 1 62 ? -2.758  -12.517 -7.872  1.00 31.56 ? 336 GLY A C   1 
ATOM   322 O O   . GLY A 1 62 ? -3.779  -11.940 -8.277  1.00 30.28 ? 336 GLY A O   1 
ATOM   323 N N   . THR A 1 63 ? -2.690  -13.830 -7.701  1.00 37.26 ? 337 THR A N   1 
ATOM   324 C CA  . THR A 1 63 ? -3.815  -14.684 -8.060  1.00 35.71 ? 337 THR A CA  1 
ATOM   325 C C   . THR A 1 63 ? -4.778  -14.906 -6.894  1.00 40.21 ? 337 THR A C   1 
ATOM   326 O O   . THR A 1 63 ? -5.733  -15.675 -7.020  1.00 37.94 ? 337 THR A O   1 
ATOM   327 C CB  . THR A 1 63 ? -3.337  -16.038 -8.629  1.00 40.00 ? 337 THR A CB  1 
ATOM   328 O OG1 . THR A 1 63 ? -2.400  -16.630 -7.726  1.00 41.27 ? 337 THR A OG1 1 
ATOM   329 C CG2 . THR A 1 63 ? -2.656  -15.830 -9.961  1.00 37.85 ? 337 THR A CG2 1 
ATOM   330 N N   . GLY A 1 64 ? -4.534  -14.226 -5.771  1.00 30.78 ? 338 GLY A N   1 
ATOM   331 C CA  . GLY A 1 64 ? -5.421  -14.308 -4.621  1.00 30.74 ? 338 GLY A CA  1 
ATOM   332 C C   . GLY A 1 64 ? -6.833  -13.863 -4.961  1.00 27.34 ? 338 GLY A C   1 
ATOM   333 O O   . GLY A 1 64 ? -7.044  -13.165 -5.961  1.00 29.87 ? 338 GLY A O   1 
ATOM   334 N N   . SER A 1 65 ? -7.805  -14.254 -4.137  1.00 24.50 ? 339 SER A N   1 
ATOM   335 C CA  . SER A 1 65 ? -9.197  -13.887 -4.382  1.00 22.06 ? 339 SER A CA  1 
ATOM   336 C C   . SER A 1 65 ? -9.462  -12.485 -3.879  1.00 24.25 ? 339 SER A C   1 
ATOM   337 O O   . SER A 1 65 ? -9.274  -12.208 -2.699  1.00 20.95 ? 339 SER A O   1 
ATOM   338 C CB  . SER A 1 65 ? -10.134 -14.873 -3.681  1.00 26.18 ? 339 SER A CB  1 
ATOM   339 O OG  . SER A 1 65 ? -11.440 -14.337 -3.568  1.00 27.61 ? 339 SER A OG  1 
ATOM   340 N N   . ILE A 1 66 ? -9.888  -11.591 -4.766  1.00 20.46 ? 340 ILE A N   1 
ATOM   341 C CA  . ILE A 1 66 ? -10.138 -10.209 -4.354  1.00 20.34 ? 340 ILE A CA  1 
ATOM   342 C C   . ILE A 1 66 ? -11.129 -10.153 -3.190  1.00 22.09 ? 340 ILE A C   1 
ATOM   343 O O   . ILE A 1 66 ? -10.931 -9.389  -2.248  1.00 21.52 ? 340 ILE A O   1 
ATOM   344 C CB  . ILE A 1 66 ? -10.637 -9.322  -5.532  1.00 26.94 ? 340 ILE A CB  1 
ATOM   345 C CG1 . ILE A 1 66 ? -10.808 -7.879  -5.075  1.00 27.48 ? 340 ILE A CG1 1 
ATOM   346 C CG2 . ILE A 1 66 ? -11.962 -9.830  -6.074  1.00 28.06 ? 340 ILE A CG2 1 
ATOM   347 C CD1 . ILE A 1 66 ? -9.513  -7.215  -4.589  1.00 27.97 ? 340 ILE A CD1 1 
ATOM   348 N N   . ARG A 1 67 ? -12.184 -10.973 -3.245  1.00 22.81 ? 341 ARG A N   1 
ATOM   349 C CA  . ARG A 1 67 ? -13.215 -10.948 -2.196  1.00 23.47 ? 341 ARG A CA  1 
ATOM   350 C C   . ARG A 1 67 ? -12.847 -11.632 -0.891  1.00 23.44 ? 341 ARG A C   1 
ATOM   351 O O   . ARG A 1 67 ? -13.260 -11.182 0.184   1.00 26.00 ? 341 ARG A O   1 
ATOM   352 C CB  . ARG A 1 67 ? -14.512 -11.594 -2.691  1.00 27.54 ? 341 ARG A CB  1 
ATOM   353 C CG  . ARG A 1 67 ? -15.262 -10.762 -3.674  1.00 39.58 ? 341 ARG A CG  1 
ATOM   354 C CD  . ARG A 1 67 ? -16.706 -11.219 -3.797  1.00 49.89 ? 341 ARG A CD  1 
ATOM   355 N NE  . ARG A 1 67 ? -17.476 -10.302 -4.643  1.00 59.49 ? 341 ARG A NE  1 
ATOM   356 C CZ  . ARG A 1 67 ? -18.802 -10.329 -4.772  1.00 63.44 ? 341 ARG A CZ  1 
ATOM   357 N NH1 . ARG A 1 67 ? -19.523 -11.231 -4.108  1.00 62.24 ? 341 ARG A NH1 1 
ATOM   358 N NH2 . ARG A 1 67 ? -19.406 -9.445  -5.561  1.00 55.46 ? 341 ARG A NH2 1 
ATOM   359 N N   . LYS A 1 68 ? -12.105 -12.731 -0.977  1.00 22.17 ? 342 LYS A N   1 
ATOM   360 C CA  . LYS A 1 68 ? -11.929 -13.603 0.187   1.00 22.84 ? 342 LYS A CA  1 
ATOM   361 C C   . LYS A 1 68 ? -10.554 -13.581 0.840   1.00 25.08 ? 342 LYS A C   1 
ATOM   362 O O   . LYS A 1 68 ? -10.384 -14.144 1.929   1.00 25.48 ? 342 LYS A O   1 
ATOM   363 C CB  . LYS A 1 68 ? -12.280 -15.047 -0.182  1.00 29.28 ? 342 LYS A CB  1 
ATOM   364 C CG  . LYS A 1 68 ? -13.719 -15.219 -0.625  1.00 35.11 ? 342 LYS A CG  1 
ATOM   365 C CD  . LYS A 1 68 ? -14.050 -16.673 -0.941  1.00 45.93 ? 342 LYS A CD  1 
ATOM   366 C CE  . LYS A 1 68 ? -13.288 -17.174 -2.160  1.00 52.39 ? 342 LYS A CE  1 
ATOM   367 N NZ  . LYS A 1 68 ? -13.866 -18.444 -2.703  1.00 62.62 ? 342 LYS A NZ  1 
ATOM   368 N N   . HIS A 1 69 ? -9.562  -12.967 0.194   1.00 21.24 ? 343 HIS A N   1 
ATOM   369 C CA  . HIS A 1 69 ? -8.194  -13.041 0.713   1.00 19.98 ? 343 HIS A CA  1 
ATOM   370 C C   . HIS A 1 69 ? -8.055  -12.287 2.042   1.00 19.60 ? 343 HIS A C   1 
ATOM   371 O O   . HIS A 1 69 ? -8.850  -11.400 2.342   1.00 18.34 ? 343 HIS A O   1 
ATOM   372 C CB  . HIS A 1 69 ? -7.215  -12.460 -0.312  1.00 18.20 ? 343 HIS A CB  1 
ATOM   373 C CG  . HIS A 1 69 ? -7.235  -10.960 -0.375  1.00 19.32 ? 343 HIS A CG  1 
ATOM   374 N ND1 . HIS A 1 69 ? -8.247  -10.246 -0.981  1.00 20.07 ? 343 HIS A ND1 1 
ATOM   375 C CD2 . HIS A 1 69 ? -6.365  -10.043 0.111   1.00 19.54 ? 343 HIS A CD2 1 
ATOM   376 C CE1 . HIS A 1 69 ? -8.000  -8.952  -0.863  1.00 19.66 ? 343 HIS A CE1 1 
ATOM   377 N NE2 . HIS A 1 69 ? -6.856  -8.805  -0.218  1.00 17.47 ? 343 HIS A NE2 1 
ATOM   378 N N   . ASP A 1 70 ? -7.055  -12.655 2.847   1.00 18.43 ? 344 ASP A N   1 
ATOM   379 C CA  . ASP A 1 70 ? -6.715  -11.878 4.040   1.00 17.08 ? 344 ASP A CA  1 
ATOM   380 C C   . ASP A 1 70 ? -5.640  -10.861 3.629   1.00 18.75 ? 344 ASP A C   1 
ATOM   381 O O   . ASP A 1 70 ? -4.561  -11.241 3.175   1.00 18.69 ? 344 ASP A O   1 
ATOM   382 C CB  . ASP A 1 70 ? -6.123  -12.762 5.162   1.00 17.00 ? 344 ASP A CB  1 
ATOM   383 C CG  . ASP A 1 70 ? -7.120  -13.786 5.733   1.00 22.29 ? 344 ASP A CG  1 
ATOM   384 O OD1 . ASP A 1 70 ? -8.312  -13.455 5.913   1.00 19.78 ? 344 ASP A OD1 1 
ATOM   385 O OD2 . ASP A 1 70 ? -6.696  -14.926 6.048   1.00 26.32 ? 344 ASP A OD2 1 
ATOM   386 N N   . PRO A 1 71 ? -5.916  -9.566  3.792   1.00 19.06 ? 345 PRO A N   1 
ATOM   387 C CA  . PRO A 1 71 ? -4.849  -8.607  3.471   1.00 17.74 ? 345 PRO A CA  1 
ATOM   388 C C   . PRO A 1 71 ? -3.656  -8.707  4.419   1.00 19.28 ? 345 PRO A C   1 
ATOM   389 O O   . PRO A 1 71 ? -3.792  -9.158  5.575   1.00 19.10 ? 345 PRO A O   1 
ATOM   390 C CB  . PRO A 1 71 ? -5.508  -7.239  3.666   1.00 17.82 ? 345 PRO A CB  1 
ATOM   391 C CG  . PRO A 1 71 ? -6.770  -7.485  4.384   1.00 23.07 ? 345 PRO A CG  1 
ATOM   392 C CD  . PRO A 1 71 ? -7.140  -8.930  4.284   1.00 18.56 ? 345 PRO A CD  1 
ATOM   393 N N   . PRO A 1 72 ? -2.485  -8.240  3.955   1.00 20.09 ? 346 PRO A N   1 
ATOM   394 C CA  . PRO A 1 72 ? -1.328  -8.124  4.842   1.00 19.93 ? 346 PRO A CA  1 
ATOM   395 C C   . PRO A 1 72 ? -1.699  -7.248  6.021   1.00 20.62 ? 346 PRO A C   1 
ATOM   396 O O   . PRO A 1 72 ? -2.416  -6.263  5.840   1.00 19.31 ? 346 PRO A O   1 
ATOM   397 C CB  . PRO A 1 72 ? -0.290  -7.396  3.975   1.00 22.91 ? 346 PRO A CB  1 
ATOM   398 C CG  . PRO A 1 72 ? -0.696  -7.606  2.613   1.00 24.00 ? 346 PRO A CG  1 
ATOM   399 C CD  . PRO A 1 72 ? -2.195  -7.756  2.601   1.00 19.69 ? 346 PRO A CD  1 
ATOM   400 N N   . LEU A 1 73 ? -1.229  -7.581  7.225   1.00 21.90 ? 347 LEU A N   1 
ATOM   401 C CA  . LEU A 1 73 ? -1.653  -6.820  8.393   1.00 21.72 ? 347 LEU A CA  1 
ATOM   402 C C   . LEU A 1 73 ? -1.227  -5.368  8.281   1.00 21.57 ? 347 LEU A C   1 
ATOM   403 O O   . LEU A 1 73 ? -1.894  -4.493  8.813   1.00 24.62 ? 347 LEU A O   1 
ATOM   404 C CB  . LEU A 1 73 ? -1.126  -7.444  9.694   1.00 22.24 ? 347 LEU A CB  1 
ATOM   405 C CG  . LEU A 1 73 ? -1.536  -8.910  9.896   1.00 24.37 ? 347 LEU A CG  1 
ATOM   406 C CD1 . LEU A 1 73 ? -1.203  -9.348  11.322  1.00 29.40 ? 347 LEU A CD1 1 
ATOM   407 C CD2 . LEU A 1 73 ? -3.010  -9.096  9.637   1.00 24.71 ? 347 LEU A CD2 1 
ATOM   408 N N   . SER A 1 74 ? -0.119  -5.125  7.575   1.00 24.60 ? 348 SER A N   1 
ATOM   409 C CA  . SER A 1 74 ? 0.414   -3.771  7.397   1.00 24.97 ? 348 SER A CA  1 
ATOM   410 C C   . SER A 1 74 ? -0.413  -2.928  6.424   1.00 29.02 ? 348 SER A C   1 
ATOM   411 O O   . SER A 1 74 ? -0.125  -1.743  6.223   1.00 26.78 ? 348 SER A O   1 
ATOM   412 C CB  . SER A 1 74 ? 1.884   -3.814  6.931   1.00 26.59 ? 348 SER A CB  1 
ATOM   413 O OG  . SER A 1 74 ? 2.092   -4.712  5.833   1.00 29.03 ? 348 SER A OG  1 
ATOM   414 N N   . SER A 1 75 ? -1.431  -3.533  5.817   1.00 21.34 ? 349 SER A N   1 
ATOM   415 C CA  . SER A 1 75 ? -2.233  -2.823  4.817   1.00 19.55 ? 349 SER A CA  1 
ATOM   416 C C   . SER A 1 75 ? -3.650  -2.479  5.265   1.00 25.50 ? 349 SER A C   1 
ATOM   417 O O   . SER A 1 75 ? -4.407  -1.824  4.540   1.00 21.12 ? 349 SER A O   1 
ATOM   418 C CB  . SER A 1 75 ? -2.279  -3.600  3.495   1.00 20.45 ? 349 SER A CB  1 
ATOM   419 O OG  . SER A 1 75 ? -1.029  -3.512  2.815   1.00 20.20 ? 349 SER A OG  1 
ATOM   420 N N   . ILE A 1 76 ? -4.017  -2.920  6.461   1.00 22.84 ? 350 ILE A N   1 
ATOM   421 C CA  . ILE A 1 76 ? -5.361  -2.665  6.969   1.00 21.38 ? 350 ILE A CA  1 
ATOM   422 C C   . ILE A 1 76 ? -5.432  -1.315  7.668   1.00 27.82 ? 350 ILE A C   1 
ATOM   423 O O   . ILE A 1 76 ? -4.628  -1.038  8.567   1.00 28.75 ? 350 ILE A O   1 
ATOM   424 C CB  . ILE A 1 76 ? -5.786  -3.767  7.961   1.00 21.37 ? 350 ILE A CB  1 
ATOM   425 C CG1 . ILE A 1 76 ? -5.596  -5.145  7.317   1.00 25.29 ? 350 ILE A CG1 1 
ATOM   426 C CG2 . ILE A 1 76 ? -7.229  -3.549  8.411   1.00 27.08 ? 350 ILE A CG2 1 
ATOM   427 C CD1 . ILE A 1 76 ? -5.749  -6.334  8.296   1.00 25.46 ? 350 ILE A CD1 1 
ATOM   428 N N   . PRO A 1 77 ? -6.396  -0.470  7.269   1.00 26.59 ? 351 PRO A N   1 
ATOM   429 C CA  . PRO A 1 77 ? -6.554  0.871   7.855   1.00 33.01 ? 351 PRO A CA  1 
ATOM   430 C C   . PRO A 1 77 ? -7.248  0.841   9.220   1.00 43.30 ? 351 PRO A C   1 
ATOM   431 O O   . PRO A 1 77 ? -7.745  -0.208  9.610   1.00 43.34 ? 351 PRO A O   1 
ATOM   432 C CB  . PRO A 1 77 ? -7.469  1.591   6.855   1.00 34.42 ? 351 PRO A CB  1 
ATOM   433 C CG  . PRO A 1 77 ? -7.657  0.663   5.706   1.00 32.62 ? 351 PRO A CG  1 
ATOM   434 C CD  . PRO A 1 77 ? -7.358  -0.714  6.183   1.00 25.89 ? 351 PRO A CD  1 
ATOM   435 N N   . CYS A 1 78 ? -7.275  1.979   9.918   1.00 49.99 ? 352 CYS A N   1 
ATOM   436 C CA  . CYS A 1 78 ? -8.042  2.163   11.158  1.00 56.20 ? 352 CYS A CA  1 
ATOM   437 C C   . CYS A 1 78 ? -8.490  0.886   11.877  1.00 64.72 ? 352 CYS A C   1 
ATOM   438 O O   . CYS A 1 78 ? -7.728  0.290   12.645  1.00 69.74 ? 352 CYS A O   1 
ATOM   439 C CB  . CYS A 1 78 ? -9.267  3.042   10.894  1.00 65.11 ? 352 CYS A CB  1 
ATOM   440 S SG  . CYS A 1 78 ? -10.306 2.537   9.487   1.00 83.33 ? 352 CYS A SG  1 
HETATM 441 O O   . HOH B 2 .  ? -8.632  -10.860 6.945   1.00 18.60 ? 1   HOH A O   1 
HETATM 442 O O   . HOH B 2 .  ? -4.258  -0.969  1.916   1.00 17.40 ? 2   HOH A O   1 
HETATM 443 O O   . HOH B 2 .  ? 10.070  4.677   2.007   1.00 20.60 ? 3   HOH A O   1 
HETATM 444 O O   . HOH B 2 .  ? 3.723   1.152   5.851   1.00 21.48 ? 4   HOH A O   1 
HETATM 445 O O   . HOH B 2 .  ? 2.793   -3.763  0.940   1.00 21.79 ? 7   HOH A O   1 
HETATM 446 O O   . HOH B 2 .  ? -10.260 -14.766 4.558   1.00 21.87 ? 8   HOH A O   1 
HETATM 447 O O   . HOH B 2 .  ? 9.694   11.439  2.012   1.00 29.65 ? 10  HOH A O   1 
HETATM 448 O O   . HOH B 2 .  ? 0.326   3.749   6.625   1.00 32.81 ? 12  HOH A O   1 
HETATM 449 O O   . HOH B 2 .  ? 1.561   -4.570  3.105   1.00 27.18 ? 15  HOH A O   1 
HETATM 450 O O   . HOH B 2 .  ? 1.830   0.004   7.366   1.00 32.38 ? 18  HOH A O   1 
HETATM 451 O O   . HOH B 2 .  ? -5.688  -15.047 1.970   1.00 30.75 ? 21  HOH A O   1 
HETATM 452 O O   . HOH B 2 .  ? -6.921  -15.860 -1.724  1.00 32.39 ? 22  HOH A O   1 
HETATM 453 O O   . HOH B 2 .  ? -0.996  6.344   5.962   1.00 25.85 ? 24  HOH A O   1 
HETATM 454 O O   . HOH B 2 .  ? 9.538   1.579   -2.583  1.00 30.91 ? 27  HOH A O   1 
HETATM 455 O O   . HOH B 2 .  ? 3.087   -6.570  -2.148  1.00 28.79 ? 29  HOH A O   1 
HETATM 456 O O   . HOH B 2 .  ? -12.285 -12.294 3.931   1.00 28.06 ? 30  HOH A O   1 
HETATM 457 O O   . HOH B 2 .  ? 5.969   4.011   -10.826 1.00 21.06 ? 31  HOH A O   1 
HETATM 458 O O   . HOH B 2 .  ? 4.169   -5.918  -7.826  1.00 30.38 ? 32  HOH A O   1 
HETATM 459 O O   . HOH B 2 .  ? -1.424  1.288   5.813   1.00 27.41 ? 33  HOH A O   1 
HETATM 460 O O   . HOH B 2 .  ? -0.084  19.413  6.971   1.00 26.83 ? 35  HOH A O   1 
HETATM 461 O O   . HOH B 2 .  ? -15.187 -8.277  -5.109  1.00 32.64 ? 36  HOH A O   1 
HETATM 462 O O   . HOH B 2 .  ? 1.273   21.281  3.763   1.00 34.47 ? 37  HOH A O   1 
HETATM 463 O O   . HOH B 2 .  ? 0.852   -9.702  7.035   1.00 34.76 ? 38  HOH A O   1 
HETATM 464 O O   . HOH B 2 .  ? 2.340   -5.341  -9.520  1.00 34.10 ? 39  HOH A O   1 
HETATM 465 O O   . HOH B 2 .  ? 4.275   -0.097  -12.218 1.00 35.68 ? 40  HOH A O   1 
HETATM 466 O O   . HOH B 2 .  ? -4.162  -15.625 6.327   1.00 34.57 ? 41  HOH A O   1 
HETATM 467 O O   . HOH B 2 .  ? -2.285  3.758   -10.897 1.00 22.44 ? 45  HOH A O   1 
HETATM 468 O O   . HOH B 2 .  ? -3.722  5.047   -13.062 1.00 26.91 ? 46  HOH A O   1 
HETATM 469 O O   . HOH B 2 .  ? -9.805  -12.172 -7.603  1.00 37.13 ? 48  HOH A O   1 
HETATM 470 O O   . HOH B 2 .  ? 1.980   -6.984  6.989   1.00 36.54 ? 49  HOH A O   1 
HETATM 471 O O   . HOH B 2 .  ? 7.088   -3.074  11.191  1.00 50.00 ? 50  HOH A O   1 
HETATM 472 O O   . HOH B 2 .  ? -8.292  -16.547 2.697   1.00 33.81 ? 51  HOH A O   1 
HETATM 473 O O   . HOH B 2 .  ? -13.009 -12.767 -5.637  1.00 36.95 ? 52  HOH A O   1 
HETATM 474 O O   . HOH B 2 .  ? 6.307   10.855  -9.512  1.00 30.00 ? 53  HOH A O   1 
HETATM 475 O O   . HOH B 2 .  ? -0.294  -12.531 8.099   1.00 30.00 ? 54  HOH A O   1 
HETATM 476 O O   . HOH B 2 .  ? -3.205  -16.772 8.862   1.00 30.00 ? 55  HOH A O   1 
# 
